data_7M4S
#
_entry.id   7M4S
#
_cell.length_a   61.479
_cell.length_b   132.464
_cell.length_c   83.010
_cell.angle_alpha   90.000
_cell.angle_beta   91.005
_cell.angle_gamma   90.000
#
_symmetry.space_group_name_H-M   'P 1 21 1'
#
loop_
_entity.id
_entity.type
_entity.pdbx_description
1 polymer 'AMdnB protein'
2 water water
#
_entity_poly.entity_id   1
_entity_poly.type   'polypeptide(L)'
_entity_poly.pdbx_seq_one_letter_code
;MGSSHHHHHHSSGLVPRGSHMASMTGGQQMGRGSMPLQRDVVLLITHSGDYFTIDRVAAALSRRNVQSFRLDTDKFPMTV
KIQAYFHQSNSHHQIEYGDITLNTEQVQAVWMRRLWQPHLSPELAPQYRDACTKESLAVWDGFWDSLRHAHWVDDLQKIN
AAENKLYQLRVAAEVGLVIPPTLVTNNPKEAREFFEQVNGKMITKLLKPLSYSMEGSSFFMYTSTVKEEDLLDAETLRYC
PMVFQAQIPKQQELRAVYVNGNLFVGALDASSYEASTQDWRRANQESCTWQPYELPKEIIQHLDQFMARLGLTFGAFDFI
VTPLEEYVFLEINPTGEWGMLERDLNYPISEAIADSLIQN
;
_entity_poly.pdbx_strand_id   A,B,C,D
#
# COMPACT_ATOMS: atom_id res chain seq x y z
N LEU A 37 -0.82 40.38 -16.62
CA LEU A 37 -0.05 41.27 -17.50
C LEU A 37 1.39 41.46 -16.97
N GLN A 38 2.09 40.35 -16.67
CA GLN A 38 3.47 40.39 -16.18
C GLN A 38 4.07 39.00 -15.96
N ARG A 39 4.79 38.48 -16.95
CA ARG A 39 5.31 37.11 -16.89
C ARG A 39 6.61 37.12 -16.07
N ASP A 40 6.49 36.81 -14.77
CA ASP A 40 7.63 36.92 -13.88
C ASP A 40 7.58 35.93 -12.70
N VAL A 41 6.73 34.91 -12.76
CA VAL A 41 6.61 33.93 -11.68
C VAL A 41 7.35 32.67 -12.11
N VAL A 42 8.10 32.08 -11.19
CA VAL A 42 8.72 30.78 -11.44
C VAL A 42 7.88 29.72 -10.76
N LEU A 43 7.35 28.80 -11.55
CA LEU A 43 6.50 27.73 -11.05
C LEU A 43 7.37 26.57 -10.59
N LEU A 44 7.18 26.14 -9.33
CA LEU A 44 7.91 25.02 -8.74
C LEU A 44 6.99 23.81 -8.66
N ILE A 45 7.29 22.78 -9.44
CA ILE A 45 6.48 21.58 -9.56
C ILE A 45 7.08 20.53 -8.62
N THR A 46 6.35 20.18 -7.58
CA THR A 46 6.83 19.19 -6.61
C THR A 46 5.63 18.49 -5.98
N HIS A 47 5.81 17.91 -4.80
CA HIS A 47 4.68 17.36 -4.07
C HIS A 47 4.73 17.82 -2.62
N SER A 48 3.62 17.57 -1.92
CA SER A 48 3.43 18.09 -0.58
C SER A 48 4.42 17.48 0.41
N GLY A 49 4.95 16.29 0.13
CA GLY A 49 5.95 15.77 1.04
C GLY A 49 7.40 16.02 0.67
N ASP A 50 7.69 16.99 -0.19
CA ASP A 50 9.07 17.35 -0.52
C ASP A 50 9.56 18.39 0.49
N TYR A 51 10.88 18.38 0.78
CA TYR A 51 11.28 19.25 1.88
C TYR A 51 12.53 20.12 1.74
N PHE A 52 13.70 19.55 1.49
CA PHE A 52 14.88 20.39 1.69
C PHE A 52 15.21 21.21 0.45
N THR A 53 15.33 20.50 -0.66
CA THR A 53 15.63 21.10 -1.95
C THR A 53 14.62 22.19 -2.32
N ILE A 54 13.32 21.89 -2.17
CA ILE A 54 12.29 22.83 -2.61
C ILE A 54 12.41 24.14 -1.87
N ASP A 55 12.69 24.08 -0.56
CA ASP A 55 12.80 25.30 0.21
C ASP A 55 14.03 26.09 -0.18
N ARG A 56 15.15 25.41 -0.37
CA ARG A 56 16.38 26.11 -0.72
C ARG A 56 16.25 26.85 -2.04
N VAL A 57 15.59 26.23 -3.03
CA VAL A 57 15.47 26.85 -4.35
C VAL A 57 14.60 28.09 -4.28
N ALA A 58 13.45 27.98 -3.61
CA ALA A 58 12.56 29.11 -3.41
C ALA A 58 13.31 30.27 -2.76
N ALA A 59 14.00 29.99 -1.67
CA ALA A 59 14.74 31.05 -0.98
C ALA A 59 15.78 31.68 -1.89
N ALA A 60 16.47 30.87 -2.70
CA ALA A 60 17.44 31.44 -3.62
C ALA A 60 16.75 32.35 -4.64
N LEU A 61 15.54 31.96 -5.07
CA LEU A 61 14.79 32.76 -6.05
C LEU A 61 14.36 34.10 -5.46
N SER A 62 13.82 34.07 -4.24
CA SER A 62 13.33 35.30 -3.61
C SER A 62 14.48 36.25 -3.28
N ARG A 63 15.65 35.72 -2.96
CA ARG A 63 16.82 36.58 -2.76
C ARG A 63 17.21 37.30 -4.05
N ARG A 64 16.73 36.79 -5.18
CA ARG A 64 16.84 37.46 -6.46
C ARG A 64 15.60 38.29 -6.79
N ASN A 65 14.71 38.50 -5.81
CA ASN A 65 13.48 39.29 -5.99
C ASN A 65 12.60 38.69 -7.08
N VAL A 66 12.52 37.37 -7.11
CA VAL A 66 11.70 36.66 -8.06
C VAL A 66 10.62 35.94 -7.28
N GLN A 67 9.38 36.12 -7.69
CA GLN A 67 8.31 35.37 -7.07
C GLN A 67 8.37 33.91 -7.51
N SER A 68 7.98 33.02 -6.61
CA SER A 68 7.86 31.62 -6.97
C SER A 68 6.51 31.10 -6.49
N PHE A 69 6.08 30.02 -7.09
CA PHE A 69 4.82 29.40 -6.75
C PHE A 69 5.10 27.91 -6.65
N ARG A 70 5.00 27.37 -5.43
CA ARG A 70 5.24 25.95 -5.20
C ARG A 70 3.94 25.22 -5.42
N LEU A 71 3.91 24.36 -6.43
CA LEU A 71 2.71 23.60 -6.78
C LEU A 71 2.89 22.17 -6.31
N ASP A 72 2.06 21.73 -5.36
CA ASP A 72 2.10 20.37 -4.85
C ASP A 72 1.17 19.51 -5.70
N THR A 73 1.76 18.72 -6.60
CA THR A 73 0.98 17.97 -7.59
C THR A 73 0.10 16.93 -6.93
N ASP A 74 0.57 16.31 -5.84
CA ASP A 74 -0.25 15.29 -5.20
C ASP A 74 -1.51 15.90 -4.60
N LYS A 75 -1.51 17.21 -4.33
CA LYS A 75 -2.66 17.88 -3.74
C LYS A 75 -3.75 18.17 -4.75
N PHE A 76 -3.59 17.73 -6.00
CA PHE A 76 -4.59 17.75 -7.03
C PHE A 76 -5.12 16.35 -7.27
N PRO A 77 -6.45 16.15 -7.38
CA PRO A 77 -7.54 17.12 -7.48
C PRO A 77 -8.28 17.57 -6.20
N MET A 78 -7.89 17.07 -5.03
CA MET A 78 -8.72 17.26 -3.85
C MET A 78 -8.56 18.63 -3.18
N THR A 79 -7.43 19.32 -3.39
CA THR A 79 -7.16 20.63 -2.80
C THR A 79 -6.77 21.69 -3.83
N VAL A 80 -5.89 21.35 -4.77
CA VAL A 80 -5.54 22.26 -5.85
C VAL A 80 -6.72 22.36 -6.80
N LYS A 81 -7.02 23.57 -7.25
CA LYS A 81 -8.10 23.83 -8.21
C LYS A 81 -7.47 24.22 -9.54
N ILE A 82 -7.79 23.46 -10.58
CA ILE A 82 -7.33 23.74 -11.94
C ILE A 82 -8.51 24.23 -12.75
N GLN A 83 -8.30 25.27 -13.55
CA GLN A 83 -9.31 25.66 -14.52
C GLN A 83 -8.66 26.02 -15.84
N ALA A 84 -9.16 25.39 -16.90
CA ALA A 84 -8.73 25.61 -18.26
C ALA A 84 -9.97 25.71 -19.14
N TYR A 85 -10.08 26.79 -19.91
CA TYR A 85 -11.21 27.04 -20.78
C TYR A 85 -10.72 27.20 -22.22
N PHE A 86 -11.35 26.49 -23.17
CA PHE A 86 -10.97 26.48 -24.58
C PHE A 86 -12.13 26.97 -25.43
N HIS A 87 -11.92 28.05 -26.18
CA HIS A 87 -12.93 28.51 -27.14
C HIS A 87 -12.25 29.01 -28.40
N GLN A 88 -12.32 28.21 -29.46
CA GLN A 88 -11.92 28.62 -30.80
C GLN A 88 -10.71 29.54 -30.85
N SER A 89 -9.53 28.95 -30.67
CA SER A 89 -8.21 29.58 -30.65
C SER A 89 -7.88 30.41 -29.41
N ASN A 90 -8.85 30.79 -28.59
CA ASN A 90 -8.53 31.51 -27.37
C ASN A 90 -8.65 30.55 -26.17
N SER A 91 -7.59 30.49 -25.36
CA SER A 91 -7.56 29.59 -24.21
C SER A 91 -7.05 30.33 -23.00
N HIS A 92 -7.41 29.83 -21.84
CA HIS A 92 -7.00 30.45 -20.58
C HIS A 92 -6.88 29.38 -19.51
N HIS A 93 -5.80 29.46 -18.72
CA HIS A 93 -5.44 28.47 -17.71
C HIS A 93 -5.11 29.13 -16.39
N GLN A 94 -5.66 28.59 -15.29
CA GLN A 94 -5.26 29.08 -13.98
C GLN A 94 -5.24 27.96 -12.95
N ILE A 95 -4.43 28.15 -11.91
CA ILE A 95 -4.27 27.27 -10.76
C ILE A 95 -4.55 28.08 -9.51
N GLU A 96 -5.16 27.42 -8.53
CA GLU A 96 -5.30 27.97 -7.18
C GLU A 96 -4.77 26.93 -6.20
N TYR A 97 -3.87 27.35 -5.32
CA TYR A 97 -3.33 26.46 -4.33
C TYR A 97 -2.97 27.29 -3.11
N GLY A 98 -3.40 26.83 -1.94
CA GLY A 98 -3.18 27.59 -0.72
C GLY A 98 -3.70 29.01 -0.79
N ASP A 99 -4.90 29.20 -1.34
CA ASP A 99 -5.50 30.54 -1.45
C ASP A 99 -4.69 31.50 -2.35
N ILE A 100 -3.86 30.98 -3.26
CA ILE A 100 -3.18 31.82 -4.24
C ILE A 100 -3.60 31.36 -5.62
N THR A 101 -3.98 32.31 -6.47
CA THR A 101 -4.43 32.05 -7.84
C THR A 101 -3.31 32.40 -8.79
N LEU A 102 -2.96 31.46 -9.65
CA LEU A 102 -1.90 31.67 -10.62
C LEU A 102 -2.49 31.55 -12.01
N ASN A 103 -2.30 32.58 -12.81
CA ASN A 103 -2.60 32.50 -14.23
C ASN A 103 -1.36 32.10 -15.02
N THR A 104 -1.54 31.21 -16.00
CA THR A 104 -0.35 30.71 -16.67
C THR A 104 0.43 31.74 -17.48
N GLU A 105 -0.14 32.87 -17.84
CA GLU A 105 0.72 33.82 -18.54
C GLU A 105 1.70 34.56 -17.58
N GLN A 106 1.52 34.46 -16.25
CA GLN A 106 2.51 35.09 -15.37
C GLN A 106 3.77 34.27 -15.14
N VAL A 107 3.91 33.07 -15.71
CA VAL A 107 5.01 32.15 -15.36
C VAL A 107 6.15 32.29 -16.36
N GLN A 108 7.31 32.71 -15.90
CA GLN A 108 8.44 32.80 -16.81
C GLN A 108 9.28 31.54 -16.86
N ALA A 109 9.19 30.69 -15.84
CA ALA A 109 10.05 29.54 -15.78
C ALA A 109 9.36 28.44 -14.99
N VAL A 110 9.67 27.20 -15.33
CA VAL A 110 9.12 26.04 -14.64
C VAL A 110 10.28 25.20 -14.13
N TRP A 111 10.26 24.90 -12.83
CA TRP A 111 11.19 23.97 -12.22
C TRP A 111 10.49 22.63 -12.07
N MET A 112 10.89 21.66 -12.87
CA MET A 112 10.28 20.34 -12.81
C MET A 112 11.15 19.55 -11.84
N ARG A 113 10.76 19.57 -10.57
CA ARG A 113 11.47 18.87 -9.52
C ARG A 113 10.88 17.47 -9.29
N ARG A 114 9.56 17.37 -9.08
CA ARG A 114 8.90 16.09 -8.89
C ARG A 114 7.47 16.17 -9.40
N LEU A 115 7.05 15.20 -10.20
CA LEU A 115 5.65 15.09 -10.62
C LEU A 115 5.11 13.81 -9.99
N TRP A 116 4.33 14.00 -8.93
CA TRP A 116 3.77 12.96 -8.07
C TRP A 116 2.41 12.46 -8.55
N GLN A 117 2.03 11.29 -8.03
CA GLN A 117 0.71 10.75 -8.33
C GLN A 117 -0.35 11.64 -7.68
N PRO A 118 -1.51 11.77 -8.30
CA PRO A 118 -2.56 12.55 -7.66
C PRO A 118 -3.04 11.77 -6.47
N HIS A 119 -3.26 12.47 -5.37
CA HIS A 119 -3.77 11.78 -4.20
C HIS A 119 -5.29 11.85 -4.24
N LEU A 120 -5.90 10.70 -4.46
CA LEU A 120 -7.26 10.38 -4.07
C LEU A 120 -7.14 9.51 -2.83
N SER A 121 -8.27 9.27 -2.13
CA SER A 121 -8.48 8.12 -1.23
C SER A 121 -8.63 8.44 0.26
N PRO A 122 -9.26 9.59 0.70
CA PRO A 122 -9.74 9.64 2.09
C PRO A 122 -10.77 8.53 2.18
N GLU A 123 -11.72 8.63 1.26
CA GLU A 123 -12.75 7.61 1.18
C GLU A 123 -12.23 6.59 0.12
N LEU A 124 -11.14 5.85 0.47
CA LEU A 124 -10.49 4.96 -0.51
C LEU A 124 -11.40 4.02 -1.25
N ALA A 125 -11.22 4.08 -2.54
CA ALA A 125 -12.00 3.47 -3.60
C ALA A 125 -11.23 2.29 -4.14
N PRO A 126 -11.83 1.54 -5.03
CA PRO A 126 -11.12 0.38 -5.57
C PRO A 126 -10.32 0.71 -6.83
N GLN A 127 -10.80 0.03 -7.85
CA GLN A 127 -10.46 0.09 -9.25
C GLN A 127 -10.79 1.44 -9.86
N TYR A 128 -11.63 2.25 -9.19
CA TYR A 128 -11.93 3.59 -9.67
C TYR A 128 -10.76 4.53 -9.40
N ARG A 129 -9.98 4.22 -8.37
CA ARG A 129 -8.84 5.03 -7.97
C ARG A 129 -7.87 5.20 -9.14
N ASP A 130 -7.54 4.12 -9.84
CA ASP A 130 -6.54 4.21 -10.91
C ASP A 130 -7.10 4.91 -12.14
N ALA A 131 -8.38 4.71 -12.44
CA ALA A 131 -8.98 5.38 -13.58
C ALA A 131 -8.90 6.90 -13.46
N CYS A 132 -9.06 7.43 -12.24
CA CYS A 132 -9.06 8.87 -11.98
C CYS A 132 -7.70 9.43 -11.68
N THR A 133 -6.76 8.58 -11.32
CA THR A 133 -5.36 8.95 -11.45
C THR A 133 -5.05 9.22 -12.92
N LYS A 134 -5.52 8.34 -13.81
CA LYS A 134 -5.34 8.54 -15.24
C LYS A 134 -6.02 9.83 -15.69
N GLU A 135 -7.24 10.06 -15.20
CA GLU A 135 -7.94 11.30 -15.52
C GLU A 135 -7.16 12.51 -15.01
N SER A 136 -6.59 12.42 -13.80
CA SER A 136 -5.95 13.59 -13.27
C SER A 136 -4.61 13.87 -13.93
N LEU A 137 -3.95 12.82 -14.41
CA LEU A 137 -2.68 13.01 -15.10
C LEU A 137 -2.87 13.64 -16.46
N ALA A 138 -3.99 13.33 -17.13
CA ALA A 138 -4.28 13.96 -18.41
C ALA A 138 -4.56 15.45 -18.22
N VAL A 139 -5.19 15.84 -17.11
CA VAL A 139 -5.38 17.26 -16.85
C VAL A 139 -4.04 17.97 -16.70
N TRP A 140 -3.12 17.41 -15.89
CA TRP A 140 -1.78 17.97 -15.80
C TRP A 140 -1.15 18.05 -17.18
N ASP A 141 -1.36 17.01 -17.98
CA ASP A 141 -0.79 16.97 -19.33
C ASP A 141 -1.30 18.12 -20.18
N GLY A 142 -2.61 18.35 -20.16
CA GLY A 142 -3.11 19.52 -20.85
C GLY A 142 -2.50 20.79 -20.29
N PHE A 143 -2.29 20.82 -18.99
CA PHE A 143 -1.82 22.03 -18.34
C PHE A 143 -0.39 22.36 -18.72
N TRP A 144 0.48 21.35 -18.85
CA TRP A 144 1.86 21.64 -19.19
C TRP A 144 1.97 22.30 -20.55
N ASP A 145 1.08 21.92 -21.48
CA ASP A 145 1.12 22.51 -22.81
C ASP A 145 0.91 24.03 -22.75
N SER A 146 0.05 24.51 -21.85
CA SER A 146 -0.13 25.96 -21.70
C SER A 146 1.13 26.66 -21.18
N LEU A 147 2.07 25.96 -20.57
CA LEU A 147 3.29 26.58 -20.07
C LEU A 147 4.47 26.39 -21.01
N ARG A 148 4.20 25.97 -22.25
CA ARG A 148 5.26 25.69 -23.21
C ARG A 148 6.12 26.93 -23.53
N HIS A 149 5.61 28.14 -23.29
CA HIS A 149 6.41 29.33 -23.55
C HIS A 149 7.39 29.66 -22.44
N ALA A 150 7.20 29.13 -21.23
CA ALA A 150 8.10 29.34 -20.11
C ALA A 150 9.39 28.54 -20.29
N HIS A 151 10.42 28.95 -19.54
CA HIS A 151 11.70 28.25 -19.51
C HIS A 151 11.62 27.06 -18.54
N TRP A 152 11.72 25.86 -19.07
CA TRP A 152 11.59 24.66 -18.26
C TRP A 152 12.96 24.17 -17.84
N VAL A 153 13.07 23.79 -16.56
CA VAL A 153 14.19 23.01 -16.04
C VAL A 153 13.58 21.85 -15.27
N ASP A 154 13.25 20.77 -15.96
CA ASP A 154 13.45 20.65 -17.40
C ASP A 154 12.17 20.28 -18.11
N ASP A 155 12.22 20.42 -19.42
CA ASP A 155 11.12 20.02 -20.29
C ASP A 155 10.74 18.56 -20.03
N LEU A 156 9.44 18.29 -19.89
CA LEU A 156 9.02 16.94 -19.49
C LEU A 156 9.29 15.92 -20.59
N GLN A 157 9.06 16.28 -21.85
CA GLN A 157 9.32 15.32 -22.92
C GLN A 157 10.80 14.99 -23.02
N LYS A 158 11.67 15.98 -22.82
CA LYS A 158 13.10 15.70 -22.78
C LYS A 158 13.46 14.82 -21.59
N ILE A 159 12.84 15.06 -20.43
CA ILE A 159 13.08 14.18 -19.29
C ILE A 159 12.62 12.78 -19.62
N ASN A 160 11.45 12.66 -20.26
CA ASN A 160 10.94 11.32 -20.50
C ASN A 160 11.84 10.55 -21.45
N ALA A 161 12.32 11.20 -22.51
CA ALA A 161 13.21 10.55 -23.45
C ALA A 161 14.55 10.21 -22.80
N ALA A 162 15.09 11.11 -21.99
CA ALA A 162 16.37 10.83 -21.36
C ALA A 162 16.27 9.70 -20.34
N GLU A 163 15.08 9.32 -19.91
CA GLU A 163 14.98 8.23 -18.96
C GLU A 163 15.17 6.86 -19.62
N ASN A 164 15.38 6.83 -20.92
CA ASN A 164 15.67 5.62 -21.68
C ASN A 164 17.16 5.31 -21.55
N LYS A 165 17.50 4.32 -20.72
CA LYS A 165 18.92 4.11 -20.39
C LYS A 165 19.69 3.60 -21.60
N LEU A 166 19.04 2.87 -22.51
CA LEU A 166 19.74 2.42 -23.71
C LEU A 166 20.08 3.62 -24.60
N TYR A 167 19.13 4.55 -24.72
CA TYR A 167 19.34 5.80 -25.43
C TYR A 167 20.51 6.58 -24.83
N GLN A 168 20.59 6.64 -23.50
CA GLN A 168 21.73 7.26 -22.84
C GLN A 168 23.07 6.69 -23.32
N LEU A 169 23.18 5.36 -23.39
CA LEU A 169 24.48 4.76 -23.69
C LEU A 169 24.97 5.17 -25.07
N ARG A 170 24.06 5.19 -26.04
CA ARG A 170 24.44 5.59 -27.39
C ARG A 170 24.91 7.04 -27.41
N VAL A 171 24.15 7.94 -26.78
CA VAL A 171 24.52 9.35 -26.80
C VAL A 171 25.84 9.56 -26.06
N ALA A 172 26.05 8.85 -24.95
CA ALA A 172 27.32 8.97 -24.25
C ALA A 172 28.46 8.52 -25.16
N ALA A 173 28.27 7.40 -25.86
CA ALA A 173 29.30 6.90 -26.76
C ALA A 173 29.52 7.85 -27.92
N GLU A 174 28.47 8.53 -28.37
CA GLU A 174 28.62 9.44 -29.49
C GLU A 174 29.36 10.73 -29.10
N VAL A 175 29.21 11.23 -27.86
CA VAL A 175 29.87 12.47 -27.47
C VAL A 175 31.25 12.26 -26.84
N GLY A 176 31.73 11.02 -26.76
CA GLY A 176 33.09 10.78 -26.29
C GLY A 176 33.22 10.28 -24.86
N LEU A 177 32.14 9.93 -24.20
CA LEU A 177 32.25 9.32 -22.89
C LEU A 177 32.55 7.85 -23.06
N VAL A 178 33.35 7.32 -22.14
CA VAL A 178 33.61 5.87 -22.09
C VAL A 178 32.40 5.21 -21.46
N ILE A 179 31.92 4.13 -22.08
CA ILE A 179 30.78 3.38 -21.57
C ILE A 179 31.15 1.91 -21.40
N PRO A 180 30.56 1.22 -20.43
CA PRO A 180 30.82 -0.21 -20.26
C PRO A 180 30.18 -0.99 -21.39
N PRO A 181 30.82 -2.06 -21.86
CA PRO A 181 30.13 -2.99 -22.77
C PRO A 181 28.85 -3.51 -22.13
N THR A 182 27.74 -3.43 -22.87
CA THR A 182 26.43 -3.70 -22.30
C THR A 182 25.57 -4.60 -23.19
N LEU A 183 24.85 -5.52 -22.56
CA LEU A 183 23.87 -6.37 -23.22
C LEU A 183 22.56 -6.27 -22.46
N VAL A 184 21.47 -6.05 -23.17
CA VAL A 184 20.14 -6.14 -22.60
C VAL A 184 19.45 -7.28 -23.32
N THR A 185 18.97 -8.26 -22.56
CA THR A 185 18.43 -9.44 -23.23
C THR A 185 17.63 -10.29 -22.27
N ASN A 186 16.70 -11.03 -22.86
CA ASN A 186 16.01 -12.14 -22.22
C ASN A 186 16.49 -13.47 -22.78
N ASN A 187 17.46 -13.43 -23.69
CA ASN A 187 18.07 -14.58 -24.32
C ASN A 187 19.22 -15.15 -23.49
N PRO A 188 19.00 -16.24 -22.77
CA PRO A 188 20.08 -16.78 -21.92
C PRO A 188 21.29 -17.25 -22.71
N LYS A 189 21.12 -17.61 -23.98
CA LYS A 189 22.24 -18.07 -24.78
C LYS A 189 23.18 -16.90 -25.12
N GLU A 190 22.63 -15.67 -25.27
CA GLU A 190 23.50 -14.53 -25.56
C GLU A 190 24.14 -13.96 -24.31
N ALA A 191 23.49 -14.11 -23.17
CA ALA A 191 24.11 -13.68 -21.93
C ALA A 191 25.36 -14.52 -21.65
N ARG A 192 25.31 -15.82 -21.97
CA ARG A 192 26.52 -16.62 -21.85
C ARG A 192 27.62 -16.17 -22.82
N GLU A 193 27.31 -15.83 -24.08
CA GLU A 193 28.44 -15.39 -24.93
C GLU A 193 28.95 -14.04 -24.50
N PHE A 194 28.09 -13.23 -23.95
CA PHE A 194 28.60 -11.98 -23.45
C PHE A 194 29.53 -12.21 -22.27
N PHE A 195 29.15 -13.14 -21.39
CA PHE A 195 30.00 -13.45 -20.24
C PHE A 195 31.36 -13.96 -20.66
N GLU A 196 31.44 -14.68 -21.78
CA GLU A 196 32.76 -15.09 -22.25
C GLU A 196 33.47 -13.91 -22.89
N GLN A 197 32.70 -13.03 -23.53
CA GLN A 197 33.26 -11.86 -24.18
C GLN A 197 33.99 -10.97 -23.20
N VAL A 198 33.42 -10.78 -22.01
CA VAL A 198 34.02 -9.88 -21.03
C VAL A 198 34.90 -10.65 -20.06
N ASN A 199 35.24 -11.90 -20.41
CA ASN A 199 36.15 -12.74 -19.64
C ASN A 199 35.65 -12.96 -18.22
N GLY A 200 34.40 -13.35 -18.11
CA GLY A 200 33.87 -13.71 -16.83
C GLY A 200 33.78 -12.62 -15.78
N LYS A 201 34.08 -11.38 -16.12
CA LYS A 201 33.96 -10.27 -15.18
C LYS A 201 32.76 -9.43 -15.65
N MET A 202 31.59 -9.73 -15.07
CA MET A 202 30.30 -9.24 -15.52
C MET A 202 29.37 -8.98 -14.35
N ILE A 203 28.53 -7.94 -14.47
CA ILE A 203 27.50 -7.62 -13.47
C ILE A 203 26.11 -7.64 -14.10
N THR A 204 25.12 -7.88 -13.27
CA THR A 204 23.70 -7.77 -13.60
C THR A 204 23.08 -6.57 -12.89
N LYS A 205 22.11 -5.95 -13.56
CA LYS A 205 21.25 -4.96 -12.93
C LYS A 205 19.90 -4.94 -13.65
N LEU A 206 18.85 -4.65 -12.91
CA LEU A 206 17.56 -4.36 -13.53
C LEU A 206 17.67 -3.04 -14.27
N LEU A 207 17.05 -2.95 -15.45
CA LEU A 207 16.95 -1.67 -16.17
C LEU A 207 16.11 -0.67 -15.39
N LYS A 208 14.93 -1.09 -14.93
CA LYS A 208 14.10 -0.27 -14.05
C LYS A 208 14.11 -0.91 -12.66
N PRO A 209 14.96 -0.45 -11.76
CA PRO A 209 15.17 -1.14 -10.48
C PRO A 209 13.96 -1.10 -9.56
N LEU A 210 13.86 -2.14 -8.74
CA LEU A 210 12.84 -2.31 -7.71
C LEU A 210 13.50 -1.93 -6.38
N SER A 211 13.19 -0.73 -5.85
CA SER A 211 13.74 -0.36 -4.56
C SER A 211 12.75 0.47 -3.75
N TYR A 212 13.19 0.82 -2.55
CA TYR A 212 12.41 1.69 -1.67
C TYR A 212 12.18 3.04 -2.34
N SER A 213 13.18 3.52 -3.07
CA SER A 213 13.17 4.84 -3.67
C SER A 213 12.53 4.81 -5.04
N MET A 214 11.84 5.89 -5.38
CA MET A 214 11.39 6.12 -6.74
C MET A 214 12.59 6.43 -7.63
N GLU A 215 12.55 5.94 -8.87
CA GLU A 215 13.70 5.94 -9.78
C GLU A 215 14.98 5.68 -9.00
N GLY A 216 15.23 4.42 -8.67
CA GLY A 216 16.39 4.06 -7.88
C GLY A 216 17.73 4.43 -8.51
N SER A 217 18.81 3.99 -7.84
CA SER A 217 20.16 4.46 -8.15
C SER A 217 20.83 3.70 -9.27
N SER A 218 22.16 3.67 -9.22
CA SER A 218 23.00 2.83 -10.05
C SER A 218 23.99 2.00 -9.23
N PHE A 219 24.08 2.23 -7.91
CA PHE A 219 25.07 1.56 -7.09
C PHE A 219 24.87 1.78 -5.60
N PHE A 220 23.64 1.66 -5.10
CA PHE A 220 23.48 1.49 -3.67
C PHE A 220 23.44 0.02 -3.28
N MET A 221 23.33 -0.87 -4.28
CA MET A 221 23.96 -2.20 -4.34
C MET A 221 23.49 -2.92 -5.60
N TYR A 222 24.41 -3.68 -6.22
CA TYR A 222 24.16 -4.50 -7.41
C TYR A 222 24.95 -5.80 -7.30
N THR A 223 24.76 -6.70 -8.28
CA THR A 223 25.19 -8.09 -8.18
C THR A 223 26.28 -8.40 -9.21
N SER A 224 27.38 -9.00 -8.73
CA SER A 224 28.43 -9.58 -9.58
C SER A 224 28.06 -11.01 -9.99
N THR A 225 28.43 -11.39 -11.22
CA THR A 225 27.89 -12.59 -11.86
C THR A 225 28.96 -13.64 -12.09
N VAL A 226 28.78 -14.81 -11.48
CA VAL A 226 29.61 -15.98 -11.71
C VAL A 226 28.81 -16.98 -12.53
N LYS A 227 29.54 -17.84 -13.27
CA LYS A 227 28.93 -18.53 -14.39
C LYS A 227 27.78 -19.46 -13.96
N GLU A 228 27.79 -19.92 -12.71
CA GLU A 228 26.69 -20.75 -12.23
C GLU A 228 25.34 -20.05 -12.35
N GLU A 229 25.32 -18.73 -12.19
CA GLU A 229 24.07 -18.00 -12.28
C GLU A 229 23.61 -17.88 -13.73
N ASP A 230 24.56 -17.71 -14.65
CA ASP A 230 24.25 -17.75 -16.08
C ASP A 230 23.73 -19.12 -16.48
N LEU A 231 24.37 -20.18 -15.98
CA LEU A 231 23.91 -21.53 -16.29
C LEU A 231 22.53 -21.80 -15.72
N LEU A 232 22.26 -21.27 -14.50
CA LEU A 232 21.06 -21.53 -13.72
C LEU A 232 19.86 -21.34 -14.65
N ASP A 233 19.68 -22.26 -15.62
CA ASP A 233 18.89 -21.96 -16.81
C ASP A 233 18.69 -20.50 -17.12
N ALA A 234 17.66 -19.90 -16.61
CA ALA A 234 17.39 -18.54 -16.97
C ALA A 234 16.43 -17.98 -15.97
N GLU A 235 15.70 -18.88 -15.33
CA GLU A 235 14.80 -18.44 -14.28
C GLU A 235 13.76 -17.58 -14.96
N THR A 236 13.36 -16.58 -14.19
CA THR A 236 12.95 -15.29 -14.68
C THR A 236 13.60 -14.81 -15.98
N LEU A 237 14.94 -14.95 -16.16
CA LEU A 237 15.58 -14.28 -17.29
C LEU A 237 14.94 -14.51 -18.67
N ARG A 238 14.10 -15.53 -18.93
CA ARG A 238 13.52 -15.24 -20.23
C ARG A 238 12.15 -14.57 -20.11
N TYR A 239 11.64 -14.33 -18.90
CA TYR A 239 10.50 -13.40 -18.77
C TYR A 239 10.85 -12.23 -17.88
N CYS A 240 12.14 -11.97 -17.69
CA CYS A 240 12.61 -10.82 -16.91
C CYS A 240 13.93 -10.36 -17.49
N PRO A 241 13.90 -9.70 -18.65
CA PRO A 241 15.15 -9.30 -19.31
C PRO A 241 16.01 -8.42 -18.41
N MET A 242 17.32 -8.62 -18.49
CA MET A 242 18.24 -7.91 -17.64
C MET A 242 19.31 -7.19 -18.43
N VAL A 243 20.03 -6.37 -17.69
CA VAL A 243 21.16 -5.63 -18.18
C VAL A 243 22.39 -6.33 -17.65
N PHE A 244 23.28 -6.69 -18.55
CA PHE A 244 24.57 -7.27 -18.18
C PHE A 244 25.64 -6.29 -18.65
N GLN A 245 26.60 -6.03 -17.79
CA GLN A 245 27.71 -5.15 -18.14
C GLN A 245 29.03 -5.75 -17.72
N ALA A 246 30.06 -5.43 -18.50
CA ALA A 246 31.43 -5.67 -18.06
C ALA A 246 31.66 -5.00 -16.71
N GLN A 247 32.32 -5.72 -15.81
CA GLN A 247 32.66 -5.18 -14.51
C GLN A 247 33.84 -4.24 -14.67
N ILE A 248 33.69 -3.03 -14.15
CA ILE A 248 34.68 -1.97 -14.32
C ILE A 248 35.44 -1.80 -13.02
N PRO A 249 36.77 -1.78 -13.04
CA PRO A 249 37.52 -1.54 -11.80
C PRO A 249 37.22 -0.16 -11.25
N LYS A 250 36.81 -0.11 -9.99
CA LYS A 250 36.33 1.15 -9.41
C LYS A 250 37.31 1.58 -8.33
N GLN A 251 37.79 2.82 -8.44
CA GLN A 251 38.50 3.50 -7.36
C GLN A 251 37.56 4.36 -6.53
N GLN A 252 36.62 5.04 -7.18
CA GLN A 252 35.54 5.78 -6.54
C GLN A 252 34.30 5.73 -7.44
N GLU A 253 33.13 5.86 -6.81
CA GLU A 253 31.87 6.04 -7.51
C GLU A 253 31.40 7.46 -7.26
N LEU A 254 31.05 8.16 -8.34
CA LEU A 254 30.72 9.59 -8.27
C LEU A 254 29.25 9.83 -8.61
N ARG A 255 28.63 10.74 -7.88
CA ARG A 255 27.35 11.30 -8.29
C ARG A 255 27.66 12.75 -8.64
N ALA A 256 27.54 13.07 -9.93
CA ALA A 256 27.91 14.37 -10.47
C ALA A 256 26.61 15.07 -10.88
N VAL A 257 26.26 16.11 -10.15
CA VAL A 257 25.03 16.82 -10.44
C VAL A 257 25.41 17.92 -11.43
N TYR A 258 24.75 17.90 -12.57
CA TYR A 258 25.02 18.85 -13.63
C TYR A 258 23.90 19.88 -13.58
N VAL A 259 24.25 21.15 -13.40
CA VAL A 259 23.29 22.26 -13.41
C VAL A 259 23.83 23.32 -14.36
N ASN A 260 23.36 23.28 -15.60
CA ASN A 260 23.59 24.37 -16.53
C ASN A 260 25.08 24.64 -16.77
N GLY A 261 25.85 23.56 -16.91
CA GLY A 261 27.28 23.66 -17.11
C GLY A 261 28.10 23.65 -15.85
N ASN A 262 27.49 23.76 -14.68
CA ASN A 262 28.18 23.65 -13.40
C ASN A 262 28.06 22.23 -12.86
N LEU A 263 29.16 21.70 -12.33
CA LEU A 263 29.19 20.34 -11.76
C LEU A 263 29.37 20.39 -10.25
N PHE A 264 28.67 19.50 -9.59
CA PHE A 264 28.78 19.31 -8.15
C PHE A 264 28.89 17.82 -7.91
N VAL A 265 30.09 17.32 -7.59
CA VAL A 265 30.36 15.89 -7.58
C VAL A 265 30.68 15.45 -6.16
N GLY A 266 29.98 14.42 -5.69
CA GLY A 266 30.29 13.78 -4.41
C GLY A 266 30.68 12.33 -4.61
N ALA A 267 31.66 11.88 -3.82
CA ALA A 267 32.14 10.49 -3.86
C ALA A 267 31.58 9.73 -2.66
N LEU A 268 30.96 8.58 -2.93
CA LEU A 268 30.32 7.78 -1.89
C LEU A 268 31.34 6.89 -1.18
N ASP A 269 31.28 6.88 0.17
CA ASP A 269 32.22 6.18 1.04
C ASP A 269 31.47 5.33 2.06
N ALA A 270 31.81 4.04 2.13
CA ALA A 270 31.30 3.14 3.17
C ALA A 270 32.24 3.20 4.36
N SER A 271 31.68 3.53 5.53
CA SER A 271 32.46 3.83 6.75
C SER A 271 33.22 5.14 6.59
N GLN A 285 26.22 -3.66 5.71
CA GLN A 285 25.45 -2.67 6.47
C GLN A 285 26.33 -1.64 7.18
N GLU A 286 26.39 -0.42 6.64
CA GLU A 286 27.51 0.46 6.95
C GLU A 286 26.97 1.86 7.24
N SER A 287 27.69 2.91 6.87
CA SER A 287 27.19 4.28 7.05
C SER A 287 27.82 5.14 5.97
N CYS A 288 27.08 5.29 4.87
CA CYS A 288 27.53 6.01 3.70
C CYS A 288 27.63 7.51 3.95
N THR A 289 28.74 8.09 3.51
CA THR A 289 28.99 9.52 3.58
C THR A 289 29.44 9.98 2.19
N TRP A 290 29.29 11.28 1.95
CA TRP A 290 29.64 11.88 0.69
C TRP A 290 30.91 12.68 0.86
N GLN A 291 31.93 12.43 0.05
CA GLN A 291 32.88 13.52 0.18
C GLN A 291 33.32 14.06 -1.17
N PRO A 292 33.92 15.25 -1.20
CA PRO A 292 34.06 16.01 -2.45
C PRO A 292 34.99 15.40 -3.48
N TYR A 293 34.63 15.66 -4.74
CA TYR A 293 35.40 15.33 -5.93
C TYR A 293 35.26 16.47 -6.94
N GLU A 294 36.28 16.63 -7.78
CA GLU A 294 36.30 17.62 -8.85
C GLU A 294 36.75 16.94 -10.13
N LEU A 295 35.90 17.05 -11.19
CA LEU A 295 36.04 16.40 -12.50
C LEU A 295 37.02 17.15 -13.39
N PRO A 296 37.79 16.45 -14.22
CA PRO A 296 38.61 17.14 -15.22
C PRO A 296 37.73 17.87 -16.20
N LYS A 297 38.26 19.01 -16.69
CA LYS A 297 37.47 19.87 -17.55
C LYS A 297 37.14 19.21 -18.89
N GLU A 298 37.95 18.23 -19.31
CA GLU A 298 37.66 17.53 -20.56
C GLU A 298 36.42 16.65 -20.40
N ILE A 299 36.24 16.03 -19.23
CA ILE A 299 35.00 15.30 -18.99
C ILE A 299 33.82 16.27 -18.92
N ILE A 300 34.02 17.42 -18.26
CA ILE A 300 32.96 18.43 -18.18
C ILE A 300 32.58 18.90 -19.58
N GLN A 301 33.57 19.06 -20.46
CA GLN A 301 33.24 19.43 -21.83
C GLN A 301 32.39 18.35 -22.49
N HIS A 302 32.70 17.08 -22.23
CA HIS A 302 31.87 16.00 -22.76
C HIS A 302 30.50 16.00 -22.11
N LEU A 303 30.43 16.31 -20.81
CA LEU A 303 29.14 16.38 -20.14
C LEU A 303 28.28 17.50 -20.71
N ASP A 304 28.90 18.63 -21.10
CA ASP A 304 28.17 19.69 -21.81
C ASP A 304 27.56 19.18 -23.11
N GLN A 305 28.35 18.46 -23.90
CA GLN A 305 27.87 17.91 -25.17
C GLN A 305 26.71 16.95 -24.95
N PHE A 306 26.84 16.07 -23.97
CA PHE A 306 25.81 15.09 -23.65
C PHE A 306 24.47 15.77 -23.33
N MET A 307 24.52 16.77 -22.44
CA MET A 307 23.31 17.45 -21.99
C MET A 307 22.69 18.30 -23.08
N ALA A 308 23.51 18.89 -23.96
CA ALA A 308 22.96 19.61 -25.10
C ALA A 308 22.22 18.64 -26.01
N ARG A 309 22.79 17.45 -26.23
CA ARG A 309 22.13 16.46 -27.07
C ARG A 309 20.81 16.05 -26.46
N LEU A 310 20.76 15.93 -25.14
CA LEU A 310 19.50 15.57 -24.52
C LEU A 310 18.56 16.74 -24.36
N GLY A 311 19.01 17.96 -24.64
CA GLY A 311 18.16 19.11 -24.38
C GLY A 311 17.86 19.28 -22.91
N LEU A 312 18.80 18.92 -22.04
CA LEU A 312 18.59 18.98 -20.60
C LEU A 312 19.57 19.99 -20.00
N THR A 313 19.06 20.85 -19.13
CA THR A 313 19.84 21.75 -18.30
C THR A 313 20.33 21.10 -17.01
N PHE A 314 19.56 20.16 -16.46
CA PHE A 314 19.82 19.56 -15.17
C PHE A 314 19.82 18.05 -15.29
N GLY A 315 20.72 17.41 -14.55
CA GLY A 315 20.72 15.96 -14.43
C GLY A 315 21.70 15.50 -13.38
N ALA A 316 21.51 14.26 -12.93
CA ALA A 316 22.44 13.65 -11.97
C ALA A 316 23.11 12.47 -12.65
N PHE A 317 24.42 12.53 -12.77
CA PHE A 317 25.19 11.50 -13.44
C PHE A 317 25.75 10.51 -12.42
N ASP A 318 25.91 9.27 -12.86
CA ASP A 318 26.66 8.28 -12.11
C ASP A 318 27.86 7.88 -12.95
N PHE A 319 29.06 8.10 -12.40
CA PHE A 319 30.34 7.79 -13.03
C PHE A 319 31.16 6.87 -12.12
N ILE A 320 31.91 5.98 -12.76
CA ILE A 320 32.98 5.24 -12.11
C ILE A 320 34.28 5.88 -12.53
N VAL A 321 35.14 6.17 -11.57
CA VAL A 321 36.51 6.51 -11.85
C VAL A 321 37.37 5.29 -11.52
N THR A 322 38.11 4.80 -12.51
CA THR A 322 38.90 3.58 -12.36
C THR A 322 40.21 3.84 -11.65
N PRO A 323 40.88 2.79 -11.17
CA PRO A 323 42.23 2.99 -10.62
C PRO A 323 43.21 3.58 -11.63
N LEU A 324 43.03 3.35 -12.94
CA LEU A 324 43.85 3.99 -13.96
C LEU A 324 43.30 5.36 -14.37
N GLU A 325 42.35 5.80 -13.56
CA GLU A 325 41.66 7.08 -13.63
C GLU A 325 40.97 7.36 -14.95
N GLU A 326 40.33 6.32 -15.45
CA GLU A 326 39.36 6.48 -16.50
C GLU A 326 38.02 6.83 -15.90
N TYR A 327 37.27 7.68 -16.60
CA TYR A 327 35.94 8.07 -16.20
C TYR A 327 34.95 7.32 -17.09
N VAL A 328 34.21 6.39 -16.50
CA VAL A 328 33.26 5.54 -17.20
C VAL A 328 31.85 6.00 -16.86
N PHE A 329 31.10 6.42 -17.88
CA PHE A 329 29.70 6.79 -17.73
C PHE A 329 28.88 5.56 -17.37
N LEU A 330 27.99 5.69 -16.38
CA LEU A 330 27.03 4.63 -16.07
C LEU A 330 25.60 4.98 -16.47
N GLU A 331 25.09 6.13 -16.01
CA GLU A 331 23.73 6.57 -16.35
C GLU A 331 23.57 8.03 -15.94
N ILE A 332 22.46 8.61 -16.36
CA ILE A 332 21.98 9.88 -15.85
C ILE A 332 20.57 9.67 -15.34
N ASN A 333 20.26 10.28 -14.20
CA ASN A 333 18.88 10.37 -13.74
C ASN A 333 18.43 11.81 -13.95
N PRO A 334 17.57 12.09 -14.95
CA PRO A 334 17.21 13.49 -15.23
C PRO A 334 16.54 14.19 -14.06
N THR A 335 15.89 13.45 -13.17
CA THR A 335 15.25 14.01 -11.99
C THR A 335 15.93 13.52 -10.71
N GLY A 336 17.24 13.29 -10.76
CA GLY A 336 17.94 12.72 -9.62
C GLY A 336 18.07 13.66 -8.43
N GLU A 337 18.14 13.07 -7.24
CA GLU A 337 18.22 13.82 -5.99
C GLU A 337 19.59 14.48 -5.84
N TRP A 338 19.61 15.69 -5.29
CA TRP A 338 20.86 16.41 -5.09
C TRP A 338 20.99 17.05 -3.72
N GLY A 339 19.92 17.04 -2.90
CA GLY A 339 19.96 17.77 -1.65
C GLY A 339 21.05 17.28 -0.73
N MET A 340 21.32 15.98 -0.79
CA MET A 340 22.38 15.35 -0.02
C MET A 340 23.71 16.06 -0.20
N LEU A 341 23.99 16.51 -1.44
CA LEU A 341 25.28 17.08 -1.79
C LEU A 341 25.37 18.52 -1.34
N GLU A 342 24.27 19.25 -1.49
CA GLU A 342 24.25 20.61 -0.98
C GLU A 342 24.43 20.62 0.54
N ARG A 343 23.84 19.64 1.24
CA ARG A 343 23.90 19.67 2.69
C ARG A 343 25.25 19.19 3.20
N ASP A 344 25.67 18.02 2.73
CA ASP A 344 26.87 17.38 3.27
C ASP A 344 28.15 18.01 2.74
N LEU A 345 28.13 18.51 1.51
CA LEU A 345 29.33 19.06 0.88
C LEU A 345 29.29 20.57 0.68
N ASN A 346 28.20 21.23 1.09
CA ASN A 346 28.06 22.68 0.97
C ASN A 346 28.14 23.15 -0.48
N TYR A 347 27.72 22.30 -1.40
CA TYR A 347 27.62 22.74 -2.80
C TYR A 347 26.44 23.69 -2.93
N PRO A 348 26.61 24.85 -3.60
CA PRO A 348 25.52 25.81 -3.83
C PRO A 348 24.63 25.42 -5.00
N ILE A 349 24.12 24.19 -4.98
CA ILE A 349 23.32 23.68 -6.09
C ILE A 349 22.04 24.49 -6.26
N SER A 350 21.36 24.78 -5.15
CA SER A 350 20.14 25.55 -5.22
C SER A 350 20.38 26.92 -5.84
N GLU A 351 21.59 27.49 -5.65
CA GLU A 351 21.91 28.77 -6.29
C GLU A 351 22.03 28.59 -7.79
N ALA A 352 22.68 27.50 -8.22
CA ALA A 352 22.82 27.24 -9.65
C ALA A 352 21.48 26.93 -10.29
N ILE A 353 20.61 26.21 -9.58
CA ILE A 353 19.29 25.94 -10.14
C ILE A 353 18.51 27.23 -10.24
N ALA A 354 18.49 28.03 -9.17
CA ALA A 354 17.78 29.30 -9.23
C ALA A 354 18.27 30.16 -10.39
N ASP A 355 19.57 30.12 -10.70
CA ASP A 355 20.10 30.92 -11.80
C ASP A 355 19.68 30.37 -13.15
N SER A 356 19.64 29.05 -13.33
CA SER A 356 19.23 28.54 -14.63
C SER A 356 17.75 28.79 -14.89
N LEU A 357 16.95 28.98 -13.85
CA LEU A 357 15.53 29.24 -14.06
C LEU A 357 15.29 30.68 -14.52
N ILE A 358 16.05 31.64 -13.98
CA ILE A 358 15.82 33.05 -14.30
C ILE A 358 16.75 33.54 -15.39
N GLN A 359 17.59 32.68 -15.93
CA GLN A 359 18.46 33.06 -17.04
C GLN A 359 17.71 32.97 -18.35
N ASN A 360 16.69 32.13 -18.42
CA ASN A 360 15.77 31.97 -19.56
C ASN A 360 16.49 31.82 -20.90
N LEU B 37 -10.19 -10.81 -10.31
CA LEU B 37 -10.62 -9.60 -9.63
C LEU B 37 -12.12 -9.69 -9.28
N GLN B 38 -12.73 -10.83 -9.62
CA GLN B 38 -14.08 -11.26 -9.21
C GLN B 38 -14.16 -11.69 -7.74
N ARG B 39 -14.59 -10.74 -6.90
CA ARG B 39 -14.66 -10.90 -5.44
C ARG B 39 -15.90 -11.71 -5.09
N ASP B 40 -15.71 -13.03 -4.99
CA ASP B 40 -16.85 -13.93 -4.81
C ASP B 40 -16.52 -15.20 -4.02
N VAL B 41 -15.40 -15.27 -3.33
CA VAL B 41 -15.03 -16.46 -2.56
C VAL B 41 -15.30 -16.19 -1.09
N VAL B 42 -15.82 -17.20 -0.38
CA VAL B 42 -16.00 -17.16 1.06
C VAL B 42 -14.86 -17.95 1.72
N LEU B 43 -14.09 -17.28 2.57
CA LEU B 43 -13.00 -17.95 3.27
C LEU B 43 -13.57 -18.64 4.52
N LEU B 44 -13.36 -19.95 4.62
CA LEU B 44 -13.79 -20.72 5.79
C LEU B 44 -12.56 -21.00 6.63
N ILE B 45 -12.50 -20.40 7.82
CA ILE B 45 -11.33 -20.50 8.70
C ILE B 45 -11.62 -21.55 9.78
N THR B 46 -10.94 -22.68 9.72
CA THR B 46 -11.20 -23.74 10.68
C THR B 46 -9.90 -24.50 10.88
N HIS B 47 -9.99 -25.75 11.34
CA HIS B 47 -8.82 -26.60 11.48
C HIS B 47 -9.09 -27.91 10.73
N SER B 48 -8.02 -28.69 10.54
CA SER B 48 -8.12 -29.89 9.71
C SER B 48 -9.02 -30.95 10.33
N GLY B 49 -9.14 -31.00 11.65
CA GLY B 49 -9.97 -32.05 12.21
C GLY B 49 -11.41 -31.68 12.48
N ASP B 50 -11.87 -30.56 11.92
CA ASP B 50 -13.26 -30.14 12.02
C ASP B 50 -14.01 -30.74 10.85
N TYR B 51 -15.19 -31.31 11.11
CA TYR B 51 -15.86 -32.04 10.02
C TYR B 51 -17.34 -31.69 9.83
N PHE B 52 -18.17 -31.87 10.85
CA PHE B 52 -19.62 -31.73 10.65
C PHE B 52 -20.03 -30.30 10.30
N THR B 53 -19.70 -29.35 11.17
CA THR B 53 -20.09 -27.96 10.96
C THR B 53 -19.52 -27.39 9.66
N ILE B 54 -18.21 -27.60 9.43
CA ILE B 54 -17.59 -27.00 8.24
C ILE B 54 -18.21 -27.56 6.96
N ASP B 55 -18.50 -28.85 6.92
CA ASP B 55 -19.02 -29.40 5.66
C ASP B 55 -20.44 -28.95 5.40
N ARG B 56 -21.30 -28.93 6.44
CA ARG B 56 -22.66 -28.46 6.22
C ARG B 56 -22.67 -27.01 5.77
N VAL B 57 -21.79 -26.19 6.35
CA VAL B 57 -21.71 -24.79 5.96
C VAL B 57 -21.12 -24.65 4.56
N ALA B 58 -20.06 -25.39 4.26
CA ALA B 58 -19.53 -25.38 2.89
C ALA B 58 -20.60 -25.75 1.86
N ALA B 59 -21.33 -26.84 2.09
CA ALA B 59 -22.35 -27.30 1.16
C ALA B 59 -23.47 -26.29 1.00
N ALA B 60 -23.88 -25.65 2.11
CA ALA B 60 -24.93 -24.65 1.99
C ALA B 60 -24.47 -23.47 1.15
N LEU B 61 -23.19 -23.08 1.29
CA LEU B 61 -22.66 -21.98 0.47
C LEU B 61 -22.71 -22.35 -1.00
N SER B 62 -22.27 -23.57 -1.35
CA SER B 62 -22.32 -23.93 -2.76
C SER B 62 -23.76 -24.05 -3.24
N ARG B 63 -24.69 -24.46 -2.37
CA ARG B 63 -26.09 -24.48 -2.79
C ARG B 63 -26.62 -23.06 -3.02
N ARG B 64 -25.96 -22.05 -2.44
CA ARG B 64 -26.24 -20.67 -2.75
C ARG B 64 -25.38 -20.17 -3.90
N ASN B 65 -24.70 -21.08 -4.60
CA ASN B 65 -23.88 -20.81 -5.78
C ASN B 65 -22.71 -19.86 -5.50
N VAL B 66 -22.05 -20.05 -4.36
CA VAL B 66 -20.88 -19.28 -3.95
C VAL B 66 -19.70 -20.21 -3.77
N GLN B 67 -18.53 -19.81 -4.27
CA GLN B 67 -17.29 -20.54 -4.04
C GLN B 67 -16.83 -20.39 -2.59
N SER B 68 -16.20 -21.42 -2.06
CA SER B 68 -15.61 -21.33 -0.74
C SER B 68 -14.20 -21.92 -0.78
N PHE B 69 -13.39 -21.54 0.22
CA PHE B 69 -12.02 -21.95 0.32
C PHE B 69 -11.75 -22.28 1.77
N ARG B 70 -11.45 -23.54 2.03
CA ARG B 70 -11.24 -24.01 3.40
C ARG B 70 -9.79 -23.76 3.78
N LEU B 71 -9.60 -22.96 4.81
CA LEU B 71 -8.27 -22.70 5.35
C LEU B 71 -8.15 -23.45 6.67
N ASP B 72 -7.25 -24.44 6.71
CA ASP B 72 -6.98 -25.18 7.94
C ASP B 72 -5.82 -24.50 8.63
N THR B 73 -6.14 -23.71 9.66
CA THR B 73 -5.12 -22.89 10.31
C THR B 73 -4.05 -23.74 10.95
N ASP B 74 -4.42 -24.95 11.38
CA ASP B 74 -3.44 -25.83 11.98
C ASP B 74 -2.42 -26.33 10.97
N LYS B 75 -2.70 -26.28 9.68
CA LYS B 75 -1.74 -26.70 8.67
C LYS B 75 -0.73 -25.61 8.31
N PHE B 76 -0.78 -24.48 9.00
CA PHE B 76 0.17 -23.41 8.87
C PHE B 76 1.08 -23.40 10.10
N PRO B 77 2.40 -23.22 9.92
CA PRO B 77 3.07 -22.88 8.67
C PRO B 77 3.61 -24.04 7.85
N MET B 78 3.47 -25.30 8.26
CA MET B 78 4.18 -26.37 7.56
C MET B 78 3.55 -26.74 6.23
N THR B 79 2.25 -26.52 6.04
CA THR B 79 1.67 -26.93 4.75
C THR B 79 0.94 -25.80 4.02
N VAL B 80 0.23 -24.92 4.74
CA VAL B 80 -0.37 -23.75 4.09
C VAL B 80 0.75 -22.81 3.66
N LYS B 81 0.62 -22.25 2.46
CA LYS B 81 1.61 -21.34 1.90
C LYS B 81 1.06 -19.93 1.91
N ILE B 82 1.77 -19.02 2.58
CA ILE B 82 1.40 -17.62 2.72
C ILE B 82 2.34 -16.76 1.89
N GLN B 83 1.77 -15.82 1.15
CA GLN B 83 2.59 -14.81 0.51
C GLN B 83 1.94 -13.44 0.58
N ALA B 84 2.72 -12.48 1.06
CA ALA B 84 2.34 -11.08 1.12
C ALA B 84 3.51 -10.25 0.65
N TYR B 85 3.25 -9.36 -0.30
CA TYR B 85 4.27 -8.49 -0.89
C TYR B 85 3.86 -7.03 -0.71
N PHE B 86 4.76 -6.22 -0.17
CA PHE B 86 4.50 -4.80 0.05
C PHE B 86 5.53 -4.02 -0.72
N HIS B 87 5.08 -3.15 -1.64
CA HIS B 87 5.93 -2.22 -2.38
C HIS B 87 5.18 -0.90 -2.38
N GLN B 88 5.63 0.04 -1.55
CA GLN B 88 4.94 1.30 -1.34
C GLN B 88 3.43 1.10 -1.28
N SER B 89 2.66 1.81 -2.11
CA SER B 89 1.21 1.74 -1.96
C SER B 89 0.63 0.37 -2.30
N ASN B 90 1.38 -0.47 -2.99
CA ASN B 90 0.84 -1.65 -3.63
C ASN B 90 1.10 -2.92 -2.83
N SER B 91 0.08 -3.77 -2.78
CA SER B 91 0.07 -4.95 -1.96
C SER B 91 -0.28 -6.18 -2.78
N HIS B 92 0.06 -7.34 -2.24
CA HIS B 92 -0.45 -8.59 -2.78
C HIS B 92 -0.42 -9.62 -1.66
N HIS B 93 -1.54 -10.32 -1.48
CA HIS B 93 -1.71 -11.34 -0.47
C HIS B 93 -2.30 -12.59 -1.11
N GLN B 94 -1.69 -13.73 -0.87
CA GLN B 94 -2.29 -14.96 -1.36
C GLN B 94 -2.03 -16.11 -0.38
N ILE B 95 -2.92 -17.08 -0.44
CA ILE B 95 -2.86 -18.30 0.35
C ILE B 95 -2.89 -19.47 -0.62
N GLU B 96 -2.05 -20.46 -0.39
CA GLU B 96 -2.10 -21.66 -1.19
C GLU B 96 -2.31 -22.86 -0.27
N TYR B 97 -3.37 -23.58 -0.53
CA TYR B 97 -3.69 -24.73 0.30
C TYR B 97 -4.45 -25.72 -0.56
N GLY B 98 -4.12 -26.99 -0.40
CA GLY B 98 -4.74 -28.04 -1.21
C GLY B 98 -4.63 -27.78 -2.69
N ASP B 99 -3.48 -27.28 -3.15
CA ASP B 99 -3.22 -27.00 -4.56
C ASP B 99 -4.19 -25.96 -5.13
N ILE B 100 -4.78 -25.12 -4.27
CA ILE B 100 -5.60 -24.00 -4.71
C ILE B 100 -4.96 -22.70 -4.20
N THR B 101 -4.83 -21.73 -5.08
CA THR B 101 -4.25 -20.43 -4.72
C THR B 101 -5.39 -19.44 -4.58
N LEU B 102 -5.47 -18.77 -3.44
CA LEU B 102 -6.53 -17.81 -3.19
C LEU B 102 -5.88 -16.43 -3.04
N ASN B 103 -6.28 -15.50 -3.88
CA ASN B 103 -5.88 -14.12 -3.68
C ASN B 103 -6.88 -13.47 -2.75
N THR B 104 -6.40 -12.72 -1.76
CA THR B 104 -7.35 -12.15 -0.82
C THR B 104 -8.30 -11.21 -1.51
N GLU B 105 -7.99 -10.79 -2.72
CA GLU B 105 -9.00 -9.95 -3.34
C GLU B 105 -10.21 -10.70 -3.85
N GLN B 106 -10.12 -12.02 -4.02
CA GLN B 106 -11.31 -12.74 -4.47
C GLN B 106 -12.29 -12.98 -3.34
N VAL B 107 -11.97 -12.53 -2.11
CA VAL B 107 -12.73 -12.92 -0.94
C VAL B 107 -13.77 -11.86 -0.60
N GLN B 108 -15.04 -12.25 -0.65
CA GLN B 108 -16.11 -11.38 -0.20
C GLN B 108 -16.50 -11.57 1.26
N ALA B 109 -16.20 -12.71 1.87
CA ALA B 109 -16.64 -12.92 3.24
C ALA B 109 -15.73 -13.96 3.88
N VAL B 110 -15.57 -13.83 5.21
CA VAL B 110 -14.76 -14.73 6.01
C VAL B 110 -15.63 -15.37 7.07
N TRP B 111 -15.63 -16.69 7.14
CA TRP B 111 -16.28 -17.41 8.25
C TRP B 111 -15.18 -17.76 9.23
N MET B 112 -15.19 -17.10 10.39
CA MET B 112 -14.18 -17.33 11.42
C MET B 112 -14.76 -18.36 12.37
N ARG B 113 -14.52 -19.63 12.05
CA ARG B 113 -15.08 -20.75 12.79
C ARG B 113 -14.12 -21.22 13.91
N ARG B 114 -12.84 -21.47 13.58
CA ARG B 114 -11.85 -21.86 14.57
C ARG B 114 -10.51 -21.33 14.09
N LEU B 115 -9.79 -20.64 14.96
CA LEU B 115 -8.44 -20.19 14.64
C LEU B 115 -7.56 -20.97 15.59
N TRP B 116 -6.95 -22.02 15.07
CA TRP B 116 -6.17 -22.94 15.83
C TRP B 116 -4.76 -22.39 15.95
N GLN B 117 -4.02 -22.87 16.94
CA GLN B 117 -2.66 -22.43 17.05
C GLN B 117 -1.88 -23.02 15.87
N PRO B 118 -0.84 -22.32 15.42
CA PRO B 118 -0.04 -22.84 14.30
C PRO B 118 0.72 -24.10 14.73
N HIS B 119 0.84 -25.04 13.79
CA HIS B 119 1.53 -26.31 14.05
C HIS B 119 2.97 -26.17 13.58
N LEU B 120 3.89 -26.09 14.53
CA LEU B 120 5.28 -25.89 14.17
C LEU B 120 5.99 -27.23 14.07
N SER B 121 7.17 -27.21 13.47
CA SER B 121 7.91 -28.43 13.31
C SER B 121 8.17 -29.07 14.67
N PRO B 122 8.08 -30.39 14.79
CA PRO B 122 8.52 -31.04 16.03
C PRO B 122 10.02 -30.87 16.30
N GLU B 123 10.84 -30.77 15.24
CA GLU B 123 12.27 -30.48 15.35
C GLU B 123 12.56 -29.22 16.16
N LEU B 124 11.55 -28.41 16.39
CA LEU B 124 11.73 -27.13 17.06
C LEU B 124 11.99 -27.31 18.53
N ALA B 125 13.00 -26.62 19.02
CA ALA B 125 13.28 -26.72 20.43
C ALA B 125 12.19 -25.93 21.17
N PRO B 126 11.86 -26.33 22.39
CA PRO B 126 10.61 -25.84 23.00
C PRO B 126 10.41 -24.35 23.33
N GLN B 127 11.32 -23.56 23.94
CA GLN B 127 10.67 -22.25 24.18
C GLN B 127 10.67 -21.43 22.89
N TYR B 128 11.34 -21.99 21.89
CA TYR B 128 11.30 -21.55 20.52
C TYR B 128 9.92 -21.82 19.93
N ARG B 129 9.25 -22.89 20.38
CA ARG B 129 7.88 -23.14 19.96
C ARG B 129 7.02 -21.92 20.28
N ASP B 130 7.21 -21.31 21.46
CA ASP B 130 6.38 -20.17 21.85
C ASP B 130 6.76 -18.93 21.05
N ALA B 131 8.07 -18.69 20.87
CA ALA B 131 8.50 -17.54 20.06
C ALA B 131 8.01 -17.67 18.62
N CYS B 132 8.03 -18.89 18.10
CA CYS B 132 7.67 -19.06 16.70
C CYS B 132 6.21 -19.31 16.49
N THR B 133 5.49 -19.71 17.52
CA THR B 133 4.05 -19.56 17.47
C THR B 133 3.69 -18.09 17.40
N LYS B 134 4.33 -17.25 18.24
CA LYS B 134 4.07 -15.82 18.20
C LYS B 134 4.38 -15.23 16.83
N GLU B 135 5.49 -15.65 16.19
CA GLU B 135 5.77 -15.18 14.84
C GLU B 135 4.66 -15.59 13.87
N SER B 136 4.13 -16.81 14.02
CA SER B 136 3.19 -17.28 13.03
C SER B 136 1.83 -16.61 13.18
N LEU B 137 1.45 -16.25 14.42
CA LEU B 137 0.19 -15.54 14.61
C LEU B 137 0.29 -14.09 14.15
N ALA B 138 1.47 -13.48 14.28
CA ALA B 138 1.64 -12.12 13.80
C ALA B 138 1.53 -12.06 12.28
N VAL B 139 2.02 -13.09 11.58
CA VAL B 139 1.82 -13.14 10.14
C VAL B 139 0.33 -13.20 9.81
N TRP B 140 -0.42 -14.03 10.56
CA TRP B 140 -1.87 -14.07 10.40
C TRP B 140 -2.51 -12.70 10.54
N ASP B 141 -2.08 -11.95 11.55
CA ASP B 141 -2.65 -10.64 11.80
C ASP B 141 -2.46 -9.72 10.62
N GLY B 142 -1.24 -9.70 10.07
CA GLY B 142 -1.05 -8.94 8.85
C GLY B 142 -2.00 -9.41 7.78
N PHE B 143 -2.28 -10.71 7.75
CA PHE B 143 -3.15 -11.28 6.74
C PHE B 143 -4.60 -10.91 6.97
N TRP B 144 -5.05 -10.88 8.22
CA TRP B 144 -6.43 -10.50 8.44
C TRP B 144 -6.64 -9.07 8.01
N ASP B 145 -5.62 -8.24 8.20
CA ASP B 145 -5.72 -6.86 7.75
C ASP B 145 -6.00 -6.77 6.26
N SER B 146 -5.38 -7.64 5.46
CA SER B 146 -5.68 -7.62 4.03
C SER B 146 -7.13 -7.93 3.76
N LEU B 147 -7.83 -8.54 4.71
CA LEU B 147 -9.20 -8.98 4.54
C LEU B 147 -10.22 -8.05 5.20
N ARG B 148 -9.83 -6.84 5.57
CA ARG B 148 -10.72 -5.93 6.28
C ARG B 148 -11.94 -5.53 5.47
N HIS B 149 -11.89 -5.61 4.15
CA HIS B 149 -13.04 -5.30 3.29
C HIS B 149 -14.01 -6.45 3.11
N ALA B 150 -13.63 -7.68 3.43
CA ALA B 150 -14.61 -8.75 3.38
C ALA B 150 -15.59 -8.60 4.54
N HIS B 151 -16.72 -9.30 4.41
CA HIS B 151 -17.72 -9.40 5.48
C HIS B 151 -17.36 -10.53 6.45
N TRP B 152 -17.05 -10.18 7.70
CA TRP B 152 -16.58 -11.16 8.69
C TRP B 152 -17.71 -11.66 9.59
N VAL B 153 -17.73 -12.98 9.76
CA VAL B 153 -18.58 -13.66 10.76
C VAL B 153 -17.65 -14.60 11.52
N ASP B 154 -16.99 -14.09 12.56
CA ASP B 154 -17.12 -12.70 13.00
C ASP B 154 -15.74 -12.04 12.99
N ASP B 155 -15.73 -10.72 13.11
CA ASP B 155 -14.49 -9.97 13.25
C ASP B 155 -13.69 -10.47 14.44
N LEU B 156 -12.39 -10.68 14.26
CA LEU B 156 -11.59 -11.30 15.30
C LEU B 156 -11.44 -10.39 16.52
N GLN B 157 -11.31 -9.09 16.30
CA GLN B 157 -11.23 -8.15 17.42
C GLN B 157 -12.51 -8.14 18.23
N LYS B 158 -13.66 -8.23 17.55
CA LYS B 158 -14.94 -8.31 18.25
C LYS B 158 -15.07 -9.61 19.03
N ILE B 159 -14.64 -10.71 18.44
CA ILE B 159 -14.64 -11.98 19.15
C ILE B 159 -13.78 -11.87 20.40
N ASN B 160 -12.60 -11.25 20.27
CA ASN B 160 -11.68 -11.17 21.40
C ASN B 160 -12.25 -10.35 22.55
N ALA B 161 -12.89 -9.22 22.24
CA ALA B 161 -13.47 -8.39 23.31
C ALA B 161 -14.66 -9.09 23.96
N ALA B 162 -15.49 -9.76 23.16
CA ALA B 162 -16.65 -10.43 23.70
C ALA B 162 -16.25 -11.61 24.59
N GLU B 163 -14.99 -12.05 24.53
CA GLU B 163 -14.48 -13.09 25.42
C GLU B 163 -14.13 -12.56 26.80
N ASN B 164 -14.25 -11.26 27.01
CA ASN B 164 -14.05 -10.65 28.32
C ASN B 164 -15.35 -10.80 29.10
N LYS B 165 -15.38 -11.75 30.06
CA LYS B 165 -16.64 -12.06 30.75
C LYS B 165 -17.12 -10.90 31.61
N LEU B 166 -16.22 -10.09 32.16
CA LEU B 166 -16.68 -8.94 32.95
C LEU B 166 -17.35 -7.91 32.07
N TYR B 167 -16.79 -7.71 30.87
CA TYR B 167 -17.44 -6.90 29.84
C TYR B 167 -18.80 -7.46 29.47
N GLN B 168 -18.87 -8.77 29.24
CA GLN B 168 -20.15 -9.41 29.01
C GLN B 168 -21.16 -9.06 30.09
N LEU B 169 -20.74 -9.10 31.35
CA LEU B 169 -21.69 -8.87 32.43
C LEU B 169 -22.21 -7.45 32.42
N ARG B 170 -21.34 -6.48 32.13
CA ARG B 170 -21.80 -5.09 32.07
C ARG B 170 -22.81 -4.89 30.96
N VAL B 171 -22.51 -5.42 29.78
CA VAL B 171 -23.38 -5.25 28.62
C VAL B 171 -24.68 -6.01 28.81
N ALA B 172 -24.60 -7.22 29.38
CA ALA B 172 -25.83 -7.99 29.58
C ALA B 172 -26.80 -7.23 30.47
N ALA B 173 -26.31 -6.64 31.55
CA ALA B 173 -27.20 -5.95 32.45
C ALA B 173 -27.77 -4.69 31.83
N GLU B 174 -26.98 -3.98 31.00
CA GLU B 174 -27.43 -2.74 30.39
C GLU B 174 -28.54 -2.95 29.38
N VAL B 175 -28.55 -4.10 28.71
CA VAL B 175 -29.59 -4.34 27.72
C VAL B 175 -30.80 -5.00 28.33
N GLY B 176 -30.78 -5.26 29.63
CA GLY B 176 -31.94 -5.81 30.32
C GLY B 176 -31.93 -7.30 30.56
N LEU B 177 -30.81 -7.98 30.34
CA LEU B 177 -30.73 -9.38 30.69
C LEU B 177 -30.50 -9.43 32.18
N VAL B 178 -31.08 -10.43 32.82
CA VAL B 178 -30.86 -10.67 34.24
C VAL B 178 -29.50 -11.33 34.40
N ILE B 179 -28.70 -10.82 35.33
CA ILE B 179 -27.40 -11.42 35.61
C ILE B 179 -27.34 -11.78 37.09
N PRO B 180 -26.62 -12.83 37.48
CA PRO B 180 -26.42 -13.10 38.91
C PRO B 180 -25.50 -12.06 39.53
N PRO B 181 -25.74 -11.65 40.77
CA PRO B 181 -24.77 -10.80 41.47
C PRO B 181 -23.39 -11.45 41.45
N THR B 182 -22.38 -10.67 41.06
CA THR B 182 -21.05 -11.20 40.83
C THR B 182 -20.00 -10.34 41.53
N LEU B 183 -19.00 -10.98 42.10
CA LEU B 183 -17.85 -10.27 42.64
C LEU B 183 -16.61 -10.88 42.02
N VAL B 184 -15.68 -10.04 41.56
CA VAL B 184 -14.35 -10.51 41.22
C VAL B 184 -13.39 -9.86 42.20
N THR B 185 -12.57 -10.66 42.87
CA THR B 185 -11.74 -10.12 43.93
C THR B 185 -10.59 -11.06 44.25
N ASN B 186 -9.50 -10.47 44.74
CA ASN B 186 -8.44 -11.16 45.46
C ASN B 186 -8.44 -10.76 46.93
N ASN B 187 -9.39 -9.93 47.36
CA ASN B 187 -9.62 -9.43 48.71
C ASN B 187 -10.52 -10.34 49.54
N PRO B 188 -9.94 -11.13 50.44
CA PRO B 188 -10.74 -12.10 51.21
C PRO B 188 -11.74 -11.46 52.15
N LYS B 189 -11.50 -10.21 52.59
CA LYS B 189 -12.48 -9.53 53.42
C LYS B 189 -13.73 -9.24 52.64
N GLU B 190 -13.61 -9.00 51.32
CA GLU B 190 -14.80 -8.73 50.53
C GLU B 190 -15.49 -10.02 50.13
N ALA B 191 -14.75 -11.13 50.04
CA ALA B 191 -15.36 -12.41 49.71
C ALA B 191 -16.26 -12.88 50.85
N ARG B 192 -15.85 -12.68 52.09
CA ARG B 192 -16.72 -12.99 53.22
C ARG B 192 -17.98 -12.14 53.20
N GLU B 193 -17.86 -10.85 52.89
CA GLU B 193 -19.02 -9.99 52.99
C GLU B 193 -20.00 -10.29 51.87
N PHE B 194 -19.48 -10.67 50.70
CA PHE B 194 -20.35 -11.10 49.61
C PHE B 194 -21.08 -12.39 49.95
N PHE B 195 -20.39 -13.32 50.62
CA PHE B 195 -21.02 -14.59 50.99
C PHE B 195 -22.25 -14.35 51.85
N GLU B 196 -22.20 -13.34 52.73
CA GLU B 196 -23.39 -13.04 53.51
C GLU B 196 -24.43 -12.29 52.70
N GLN B 197 -24.01 -11.51 51.68
CA GLN B 197 -24.98 -10.82 50.85
C GLN B 197 -25.85 -11.80 50.10
N VAL B 198 -25.27 -12.91 49.63
CA VAL B 198 -25.99 -13.93 48.88
C VAL B 198 -26.49 -15.06 49.78
N ASN B 199 -26.49 -14.85 51.11
CA ASN B 199 -27.06 -15.80 52.06
C ASN B 199 -26.38 -17.17 52.01
N GLY B 200 -25.06 -17.17 52.05
CA GLY B 200 -24.31 -18.41 52.07
C GLY B 200 -24.42 -19.30 50.83
N LYS B 201 -25.21 -18.90 49.81
CA LYS B 201 -25.37 -19.70 48.57
C LYS B 201 -24.57 -19.00 47.49
N MET B 202 -23.29 -19.38 47.42
CA MET B 202 -22.28 -18.77 46.58
C MET B 202 -21.62 -19.84 45.74
N ILE B 203 -21.26 -19.52 44.51
CA ILE B 203 -20.47 -20.42 43.69
C ILE B 203 -19.23 -19.67 43.22
N THR B 204 -18.18 -20.42 42.92
CA THR B 204 -16.99 -19.90 42.28
C THR B 204 -16.86 -20.48 40.87
N LYS B 205 -16.13 -19.74 40.07
CA LYS B 205 -16.08 -19.99 38.64
C LYS B 205 -14.79 -19.49 38.06
N LEU B 206 -14.18 -20.25 37.17
CA LEU B 206 -13.01 -19.77 36.46
C LEU B 206 -13.42 -18.86 35.31
N LEU B 207 -12.67 -17.77 35.13
CA LEU B 207 -12.77 -16.95 33.92
C LEU B 207 -12.33 -17.85 32.77
N LYS B 208 -11.05 -17.86 32.43
CA LYS B 208 -10.46 -18.82 31.50
C LYS B 208 -10.41 -20.28 32.01
N PRO B 209 -11.39 -21.13 31.66
CA PRO B 209 -11.43 -22.48 32.24
C PRO B 209 -10.23 -23.30 31.76
N LEU B 210 -10.17 -24.54 32.28
CA LEU B 210 -9.05 -25.45 32.07
C LEU B 210 -9.30 -26.35 30.85
N SER B 211 -8.23 -26.60 30.09
CA SER B 211 -8.29 -27.53 28.97
C SER B 211 -7.15 -28.53 29.08
N TYR B 212 -7.24 -29.47 28.15
CA TYR B 212 -6.18 -30.36 27.79
C TYR B 212 -5.36 -29.79 26.63
N SER B 213 -6.04 -29.10 25.70
CA SER B 213 -5.42 -28.55 24.50
C SER B 213 -4.57 -27.34 24.87
N MET B 214 -4.07 -26.66 23.84
CA MET B 214 -3.66 -25.26 23.98
C MET B 214 -4.72 -24.33 23.44
N GLU B 215 -5.90 -24.88 23.11
CA GLU B 215 -7.10 -24.15 22.69
C GLU B 215 -8.18 -24.31 23.75
N GLY B 216 -9.07 -23.31 23.85
CA GLY B 216 -10.16 -23.40 24.81
C GLY B 216 -11.06 -24.58 24.53
N SER B 217 -11.54 -25.22 25.61
CA SER B 217 -12.42 -26.37 25.48
C SER B 217 -13.55 -26.31 26.51
N SER B 218 -13.66 -27.37 27.31
CA SER B 218 -14.63 -27.40 28.41
C SER B 218 -13.85 -27.68 29.69
N PHE B 219 -14.15 -28.79 30.40
CA PHE B 219 -13.91 -28.91 31.84
C PHE B 219 -14.57 -27.77 32.62
N PHE B 220 -15.58 -27.14 31.99
CA PHE B 220 -16.39 -26.10 32.62
C PHE B 220 -17.04 -26.62 33.89
N MET B 221 -16.94 -25.84 34.96
CA MET B 221 -17.51 -26.25 36.23
C MET B 221 -17.90 -25.00 37.00
N TYR B 222 -19.00 -25.07 37.72
CA TYR B 222 -19.26 -24.16 38.82
C TYR B 222 -19.21 -24.93 40.14
N THR B 223 -18.50 -24.37 41.11
CA THR B 223 -18.32 -25.02 42.40
C THR B 223 -19.03 -24.21 43.48
N SER B 224 -19.87 -24.88 44.26
CA SER B 224 -20.48 -24.21 45.40
C SER B 224 -19.42 -23.90 46.46
N THR B 225 -19.60 -22.80 47.17
CA THR B 225 -18.68 -22.36 48.22
C THR B 225 -19.41 -22.41 49.54
N VAL B 226 -18.93 -23.24 50.47
CA VAL B 226 -19.48 -23.31 51.80
C VAL B 226 -18.61 -22.40 52.67
N LYS B 227 -19.06 -22.12 53.89
CA LYS B 227 -18.54 -20.99 54.64
C LYS B 227 -17.07 -21.18 54.98
N GLU B 228 -16.71 -22.36 55.51
CA GLU B 228 -15.33 -22.58 55.91
C GLU B 228 -14.37 -22.47 54.75
N GLU B 229 -14.88 -22.58 53.51
CA GLU B 229 -13.97 -22.45 52.37
C GLU B 229 -13.45 -21.03 52.23
N ASP B 230 -14.14 -20.02 52.76
CA ASP B 230 -13.62 -18.65 52.80
C ASP B 230 -12.63 -18.46 53.94
N LEU B 231 -12.64 -19.35 54.93
CA LEU B 231 -11.62 -19.33 55.96
C LEU B 231 -10.29 -19.56 55.31
N LEU B 232 -9.27 -18.70 55.64
CA LEU B 232 -8.07 -18.85 54.83
C LEU B 232 -8.44 -18.71 53.36
N ASP B 233 -8.30 -19.80 52.61
CA ASP B 233 -8.55 -19.86 51.19
C ASP B 233 -7.65 -18.85 50.49
N ALA B 234 -7.63 -17.63 51.00
CA ALA B 234 -7.44 -16.41 50.22
C ALA B 234 -6.60 -15.45 51.04
N GLU B 235 -7.20 -15.01 52.14
CA GLU B 235 -6.50 -14.64 53.35
C GLU B 235 -5.32 -15.59 53.61
N THR B 236 -4.18 -15.09 54.12
CA THR B 236 -2.78 -15.59 54.28
C THR B 236 -2.22 -15.90 52.92
N LEU B 237 -3.09 -16.40 52.02
CA LEU B 237 -2.66 -17.08 50.79
C LEU B 237 -3.74 -16.85 49.74
N ARG B 238 -3.71 -15.67 49.07
CA ARG B 238 -4.42 -15.52 47.79
C ARG B 238 -3.58 -14.75 46.79
N TYR B 239 -2.93 -15.54 45.96
CA TYR B 239 -2.32 -15.09 44.73
C TYR B 239 -3.14 -15.84 43.69
N CYS B 240 -4.36 -15.34 43.48
CA CYS B 240 -5.35 -15.83 42.54
C CYS B 240 -6.70 -15.17 42.79
N PRO B 241 -7.02 -14.10 42.06
CA PRO B 241 -8.36 -13.51 42.19
C PRO B 241 -9.42 -14.49 41.67
N MET B 242 -10.58 -14.53 42.34
CA MET B 242 -11.61 -15.46 41.90
C MET B 242 -12.92 -14.75 41.59
N VAL B 243 -13.79 -15.47 40.90
CA VAL B 243 -15.11 -14.98 40.55
C VAL B 243 -16.11 -15.65 41.47
N PHE B 244 -16.91 -14.85 42.13
CA PHE B 244 -17.98 -15.30 42.99
C PHE B 244 -19.30 -14.80 42.43
N GLN B 245 -20.29 -15.69 42.42
CA GLN B 245 -21.63 -15.31 42.03
C GLN B 245 -22.62 -15.88 43.02
N ALA B 246 -23.75 -15.19 43.16
CA ALA B 246 -24.91 -15.81 43.77
C ALA B 246 -25.26 -17.09 43.02
N GLN B 247 -25.59 -18.14 43.75
CA GLN B 247 -26.02 -19.38 43.12
C GLN B 247 -27.49 -19.29 42.74
N ILE B 248 -27.81 -19.57 41.49
CA ILE B 248 -29.15 -19.36 40.95
C ILE B 248 -29.85 -20.71 40.93
N PRO B 249 -30.99 -20.87 41.62
CA PRO B 249 -31.71 -22.14 41.52
C PRO B 249 -32.16 -22.40 40.10
N LYS B 250 -31.88 -23.60 39.61
CA LYS B 250 -31.93 -23.95 38.21
C LYS B 250 -33.08 -24.92 37.95
N GLN B 251 -33.92 -24.58 36.97
CA GLN B 251 -34.85 -25.55 36.41
C GLN B 251 -34.31 -26.18 35.12
N GLN B 252 -33.70 -25.39 34.24
CA GLN B 252 -33.10 -25.95 33.04
C GLN B 252 -31.87 -25.14 32.69
N GLU B 253 -30.97 -25.78 31.94
CA GLU B 253 -29.81 -25.12 31.34
C GLU B 253 -30.10 -25.00 29.85
N LEU B 254 -29.93 -23.80 29.30
CA LEU B 254 -30.21 -23.52 27.90
C LEU B 254 -28.92 -23.22 27.17
N ARG B 255 -28.78 -23.74 25.98
CA ARG B 255 -27.72 -23.35 25.06
C ARG B 255 -28.45 -22.67 23.91
N ALA B 256 -28.25 -21.36 23.77
CA ALA B 256 -28.95 -20.56 22.79
C ALA B 256 -27.94 -20.11 21.75
N VAL B 257 -28.04 -20.65 20.54
CA VAL B 257 -27.12 -20.30 19.48
C VAL B 257 -27.73 -19.16 18.69
N TYR B 258 -26.99 -18.07 18.56
CA TYR B 258 -27.47 -16.86 17.91
C TYR B 258 -26.79 -16.69 16.57
N VAL B 259 -27.58 -16.61 15.50
CA VAL B 259 -27.05 -16.38 14.16
C VAL B 259 -27.88 -15.25 13.55
N ASN B 260 -27.39 -14.03 13.67
CA ASN B 260 -27.94 -12.92 12.89
C ASN B 260 -29.42 -12.70 13.20
N GLY B 261 -29.77 -12.71 14.49
CA GLY B 261 -31.13 -12.48 14.90
C GLY B 261 -32.00 -13.74 14.98
N ASN B 262 -31.52 -14.87 14.46
CA ASN B 262 -32.22 -16.13 14.58
C ASN B 262 -31.68 -16.87 15.80
N LEU B 263 -32.60 -17.45 16.59
CA LEU B 263 -32.25 -18.20 17.79
C LEU B 263 -32.52 -19.68 17.59
N PHE B 264 -31.59 -20.51 18.04
CA PHE B 264 -31.71 -21.97 18.05
C PHE B 264 -31.26 -22.41 19.45
N VAL B 265 -32.23 -22.77 20.29
CA VAL B 265 -32.00 -23.02 21.70
C VAL B 265 -32.27 -24.49 21.97
N GLY B 266 -31.35 -25.13 22.67
CA GLY B 266 -31.55 -26.47 23.16
C GLY B 266 -31.63 -26.36 24.67
N ALA B 267 -32.51 -27.15 25.25
CA ALA B 267 -32.67 -27.23 26.70
C ALA B 267 -31.96 -28.49 27.16
N LEU B 268 -31.06 -28.34 28.12
CA LEU B 268 -30.30 -29.52 28.53
C LEU B 268 -31.01 -30.37 29.58
N ASP B 269 -32.02 -29.87 30.30
CA ASP B 269 -32.69 -30.92 31.09
C ASP B 269 -33.21 -31.98 30.15
N ALA B 270 -32.69 -33.19 30.34
CA ALA B 270 -33.09 -34.42 29.69
C ALA B 270 -31.89 -35.37 29.77
N SER B 271 -31.56 -35.83 30.97
CA SER B 271 -30.40 -36.69 31.10
C SER B 271 -30.77 -38.15 31.36
N ARG B 282 -21.31 -26.22 35.01
CA ARG B 282 -21.13 -25.15 34.04
C ARG B 282 -21.08 -25.74 32.62
N ALA B 283 -21.78 -26.85 32.43
CA ALA B 283 -21.72 -27.69 31.23
C ALA B 283 -21.71 -26.87 29.95
N ASN B 284 -20.92 -27.32 28.97
CA ASN B 284 -20.77 -26.61 27.70
C ASN B 284 -20.32 -27.60 26.63
N GLN B 285 -20.41 -27.15 25.36
CA GLN B 285 -20.02 -27.87 24.14
C GLN B 285 -20.51 -29.32 24.13
N GLU B 286 -21.65 -29.56 23.49
CA GLU B 286 -22.50 -30.76 23.68
C GLU B 286 -22.95 -30.78 25.17
N SER B 287 -23.10 -31.97 25.81
CA SER B 287 -23.45 -32.25 27.24
C SER B 287 -24.50 -33.29 27.64
N CYS B 288 -25.24 -33.86 26.70
CA CYS B 288 -26.38 -34.74 26.94
C CYS B 288 -27.36 -34.72 25.81
N THR B 289 -28.60 -35.11 26.16
CA THR B 289 -29.67 -35.20 25.20
C THR B 289 -30.30 -33.82 25.23
N TRP B 290 -30.59 -33.32 24.07
CA TRP B 290 -31.05 -31.97 23.90
C TRP B 290 -32.53 -31.99 23.60
N GLN B 291 -33.27 -31.10 24.26
CA GLN B 291 -34.67 -30.96 24.01
C GLN B 291 -34.95 -29.59 23.40
N PRO B 292 -35.97 -29.47 22.58
CA PRO B 292 -36.22 -28.20 21.92
C PRO B 292 -36.78 -27.20 22.91
N TYR B 293 -36.32 -25.97 22.79
CA TYR B 293 -36.79 -24.88 23.62
C TYR B 293 -36.90 -23.67 22.72
N GLU B 294 -37.83 -22.79 23.04
CA GLU B 294 -37.99 -21.55 22.31
C GLU B 294 -38.06 -20.39 23.29
N LEU B 295 -37.23 -19.38 23.09
CA LEU B 295 -37.16 -18.24 24.00
C LEU B 295 -38.29 -17.24 23.70
N PRO B 296 -38.84 -16.62 24.75
CA PRO B 296 -39.86 -15.55 24.58
C PRO B 296 -39.33 -14.39 23.77
N LYS B 297 -40.23 -13.58 23.12
CA LYS B 297 -39.63 -12.62 22.18
C LYS B 297 -38.80 -11.63 22.96
N GLU B 298 -39.17 -11.38 24.22
CA GLU B 298 -38.55 -10.31 24.97
C GLU B 298 -37.11 -10.64 25.31
N ILE B 299 -36.82 -11.90 25.59
CA ILE B 299 -35.43 -12.28 25.77
C ILE B 299 -34.70 -12.19 24.44
N ILE B 300 -35.34 -12.64 23.36
CA ILE B 300 -34.70 -12.58 22.05
C ILE B 300 -34.37 -11.14 21.66
N GLN B 301 -35.27 -10.21 21.98
CA GLN B 301 -35.00 -8.80 21.73
C GLN B 301 -33.79 -8.30 22.52
N HIS B 302 -33.64 -8.71 23.78
CA HIS B 302 -32.46 -8.29 24.54
C HIS B 302 -31.19 -8.87 23.92
N LEU B 303 -31.26 -10.11 23.41
CA LEU B 303 -30.10 -10.68 22.75
C LEU B 303 -29.72 -9.89 21.51
N ASP B 304 -30.73 -9.44 20.74
CA ASP B 304 -30.47 -8.60 19.58
C ASP B 304 -29.70 -7.35 19.95
N GLN B 305 -30.15 -6.67 21.00
CA GLN B 305 -29.44 -5.48 21.43
C GLN B 305 -28.02 -5.82 21.85
N PHE B 306 -27.89 -6.90 22.66
CA PHE B 306 -26.60 -7.38 23.16
C PHE B 306 -25.62 -7.70 22.02
N MET B 307 -26.07 -8.47 21.04
CA MET B 307 -25.19 -8.82 19.94
C MET B 307 -24.87 -7.60 19.08
N ALA B 308 -25.80 -6.65 19.00
CA ALA B 308 -25.51 -5.44 18.26
C ALA B 308 -24.38 -4.65 18.90
N ARG B 309 -24.40 -4.52 20.24
CA ARG B 309 -23.35 -3.78 20.92
C ARG B 309 -22.02 -4.49 20.81
N LEU B 310 -22.03 -5.82 20.84
CA LEU B 310 -20.76 -6.55 20.74
C LEU B 310 -20.26 -6.64 19.30
N GLY B 311 -21.05 -6.19 18.32
CA GLY B 311 -20.65 -6.32 16.94
C GLY B 311 -20.54 -7.74 16.47
N LEU B 312 -21.39 -8.63 16.96
CA LEU B 312 -21.32 -10.06 16.64
C LEU B 312 -22.57 -10.52 15.88
N THR B 313 -22.37 -11.27 14.79
CA THR B 313 -23.46 -11.96 14.10
C THR B 313 -23.77 -13.33 14.71
N PHE B 314 -22.75 -14.00 15.25
CA PHE B 314 -22.86 -15.35 15.76
C PHE B 314 -22.38 -15.37 17.21
N GLY B 315 -23.05 -16.18 18.03
CA GLY B 315 -22.60 -16.46 19.37
C GLY B 315 -23.44 -17.55 20.01
N ALA B 316 -22.84 -18.19 21.02
CA ALA B 316 -23.50 -19.24 21.79
C ALA B 316 -23.64 -18.73 23.21
N PHE B 317 -24.90 -18.65 23.68
CA PHE B 317 -25.22 -18.16 25.01
C PHE B 317 -25.45 -19.31 26.00
N ASP B 318 -25.13 -19.05 27.27
CA ASP B 318 -25.46 -19.95 28.38
C ASP B 318 -26.47 -19.25 29.27
N PHE B 319 -27.64 -19.86 29.41
CA PHE B 319 -28.73 -19.32 30.21
C PHE B 319 -29.21 -20.35 31.23
N ILE B 320 -29.65 -19.86 32.38
CA ILE B 320 -30.46 -20.64 33.33
C ILE B 320 -31.91 -20.18 33.26
N VAL B 321 -32.84 -21.15 33.25
CA VAL B 321 -34.26 -20.90 33.52
C VAL B 321 -34.56 -21.32 34.95
N THR B 322 -35.03 -20.38 35.75
CA THR B 322 -35.38 -20.64 37.14
C THR B 322 -36.74 -21.32 37.22
N PRO B 323 -37.12 -21.86 38.39
CA PRO B 323 -38.49 -22.38 38.56
C PRO B 323 -39.57 -21.34 38.33
N LEU B 324 -39.29 -20.06 38.54
CA LEU B 324 -40.24 -19.00 38.21
C LEU B 324 -40.13 -18.55 36.75
N GLU B 325 -39.46 -19.33 35.92
CA GLU B 325 -39.31 -18.99 34.50
C GLU B 325 -38.61 -17.64 34.28
N GLU B 326 -37.62 -17.32 35.12
CA GLU B 326 -36.68 -16.25 34.81
C GLU B 326 -35.57 -16.79 33.94
N TYR B 327 -35.10 -15.94 33.04
CA TYR B 327 -33.99 -16.26 32.16
C TYR B 327 -32.79 -15.50 32.68
N VAL B 328 -31.82 -16.21 33.22
CA VAL B 328 -30.62 -15.58 33.76
C VAL B 328 -29.47 -15.83 32.80
N PHE B 329 -28.92 -14.75 32.30
CA PHE B 329 -27.73 -14.82 31.47
C PHE B 329 -26.55 -15.28 32.31
N LEU B 330 -25.79 -16.25 31.79
CA LEU B 330 -24.53 -16.67 32.38
C LEU B 330 -23.32 -16.17 31.60
N GLU B 331 -23.25 -16.46 30.31
CA GLU B 331 -22.16 -15.95 29.49
C GLU B 331 -22.48 -16.21 28.02
N ILE B 332 -21.66 -15.60 27.17
CA ILE B 332 -21.64 -15.89 25.76
C ILE B 332 -20.24 -16.39 25.39
N ASN B 333 -20.20 -17.39 24.54
CA ASN B 333 -18.99 -17.80 23.85
C ASN B 333 -19.14 -17.40 22.38
N PRO B 334 -18.38 -16.42 21.91
CA PRO B 334 -18.49 -16.00 20.50
C PRO B 334 -18.14 -17.09 19.51
N THR B 335 -17.35 -18.08 19.90
CA THR B 335 -17.00 -19.20 19.02
C THR B 335 -17.54 -20.53 19.54
N GLY B 336 -18.68 -20.48 20.22
CA GLY B 336 -19.21 -21.69 20.82
C GLY B 336 -19.67 -22.71 19.80
N GLU B 337 -19.57 -23.98 20.19
CA GLU B 337 -19.95 -25.08 19.32
C GLU B 337 -21.46 -25.12 19.16
N TRP B 338 -21.91 -25.46 17.95
CA TRP B 338 -23.32 -25.52 17.63
C TRP B 338 -23.76 -26.79 16.93
N GLY B 339 -22.84 -27.66 16.51
CA GLY B 339 -23.23 -28.78 15.67
C GLY B 339 -24.20 -29.73 16.35
N MET B 340 -24.03 -29.95 17.65
CA MET B 340 -24.93 -30.83 18.38
C MET B 340 -26.38 -30.39 18.25
N LEU B 341 -26.64 -29.07 18.24
CA LEU B 341 -28.03 -28.66 18.22
C LEU B 341 -28.62 -28.89 16.83
N GLU B 342 -27.85 -28.62 15.78
CA GLU B 342 -28.31 -28.92 14.43
C GLU B 342 -28.53 -30.40 14.23
N ARG B 343 -27.66 -31.23 14.82
CA ARG B 343 -27.74 -32.66 14.59
C ARG B 343 -28.82 -33.32 15.44
N ASP B 344 -28.85 -33.03 16.75
CA ASP B 344 -29.78 -33.67 17.67
C ASP B 344 -31.18 -33.11 17.57
N LEU B 345 -31.31 -31.82 17.28
CA LEU B 345 -32.61 -31.15 17.29
C LEU B 345 -33.05 -30.65 15.94
N ASN B 346 -32.26 -30.89 14.90
CA ASN B 346 -32.64 -30.55 13.53
C ASN B 346 -32.79 -29.04 13.29
N TYR B 347 -32.04 -28.22 13.99
CA TYR B 347 -32.02 -26.78 13.69
C TYR B 347 -31.22 -26.49 12.42
N PRO B 348 -31.74 -25.65 11.52
CA PRO B 348 -30.98 -25.22 10.33
C PRO B 348 -29.95 -24.14 10.64
N ILE B 349 -29.05 -24.43 11.59
CA ILE B 349 -28.03 -23.44 11.98
C ILE B 349 -27.08 -23.18 10.82
N SER B 350 -26.65 -24.24 10.13
CA SER B 350 -25.75 -24.09 8.99
C SER B 350 -26.35 -23.23 7.89
N GLU B 351 -27.68 -23.28 7.72
CA GLU B 351 -28.31 -22.46 6.70
C GLU B 351 -28.26 -20.99 7.08
N ALA B 352 -28.46 -20.67 8.37
CA ALA B 352 -28.45 -19.28 8.82
C ALA B 352 -27.06 -18.67 8.68
N ILE B 353 -26.04 -19.46 8.98
CA ILE B 353 -24.67 -18.99 8.88
C ILE B 353 -24.33 -18.68 7.42
N ALA B 354 -24.61 -19.63 6.54
CA ALA B 354 -24.39 -19.42 5.12
C ALA B 354 -25.14 -18.18 4.61
N ASP B 355 -26.35 -17.95 5.13
CA ASP B 355 -27.11 -16.78 4.70
C ASP B 355 -26.49 -15.49 5.23
N SER B 356 -26.00 -15.51 6.48
CA SER B 356 -25.38 -14.29 7.00
C SER B 356 -24.05 -14.01 6.33
N LEU B 357 -23.38 -15.04 5.81
CA LEU B 357 -22.08 -14.81 5.20
C LEU B 357 -22.20 -14.13 3.84
N ILE B 358 -23.25 -14.43 3.07
CA ILE B 358 -23.32 -13.91 1.71
C ILE B 358 -24.19 -12.65 1.59
N GLN B 359 -24.80 -12.16 2.69
CA GLN B 359 -25.48 -10.86 2.63
C GLN B 359 -24.61 -9.66 2.90
N ASN B 360 -23.38 -9.84 3.38
CA ASN B 360 -22.47 -8.71 3.54
C ASN B 360 -23.11 -7.59 4.36
N LEU C 37 -18.82 11.18 42.62
CA LEU C 37 -18.13 12.21 41.85
C LEU C 37 -16.63 12.22 42.21
N GLN C 38 -16.05 13.41 42.40
CA GLN C 38 -14.64 13.57 42.78
C GLN C 38 -13.70 13.03 41.69
N ARG C 39 -14.02 13.37 40.43
CA ARG C 39 -13.35 12.84 39.24
C ARG C 39 -12.08 13.60 38.95
N ASP C 40 -10.94 13.18 39.49
CA ASP C 40 -9.85 14.08 39.23
C ASP C 40 -8.46 13.47 39.27
N VAL C 41 -8.37 12.14 39.30
CA VAL C 41 -7.08 11.45 39.42
C VAL C 41 -6.68 10.92 38.05
N VAL C 42 -5.38 11.01 37.77
CA VAL C 42 -4.78 10.37 36.60
C VAL C 42 -4.12 9.09 37.09
N LEU C 43 -4.54 7.95 36.54
CA LEU C 43 -3.99 6.66 36.92
C LEU C 43 -2.74 6.37 36.11
N LEU C 44 -1.63 6.10 36.79
CA LEU C 44 -0.37 5.78 36.11
C LEU C 44 -0.16 4.27 36.18
N ILE C 45 -0.23 3.61 35.04
CA ILE C 45 -0.12 2.15 34.94
C ILE C 45 1.29 1.83 34.51
N THR C 46 2.08 1.23 35.40
CA THR C 46 3.46 0.82 35.15
C THR C 46 3.79 -0.39 36.05
N HIS C 47 5.08 -0.62 36.34
CA HIS C 47 5.53 -1.69 37.25
C HIS C 47 6.48 -1.12 38.30
N SER C 48 6.90 -1.99 39.24
CA SER C 48 7.67 -1.58 40.43
C SER C 48 8.94 -0.84 40.05
N GLY C 49 9.55 -1.36 39.02
CA GLY C 49 10.89 -1.05 38.59
C GLY C 49 10.97 -0.08 37.46
N ASP C 50 10.05 0.89 37.37
CA ASP C 50 10.11 1.81 36.24
C ASP C 50 11.11 2.94 36.45
N TYR C 51 10.91 3.79 37.46
CA TYR C 51 11.78 4.94 37.74
C TYR C 51 12.02 5.92 36.58
N PHE C 52 12.48 7.11 36.94
CA PHE C 52 12.69 8.28 36.07
C PHE C 52 11.48 8.66 35.25
N THR C 53 11.09 7.81 34.28
CA THR C 53 9.97 8.15 33.40
C THR C 53 8.67 8.35 34.18
N ILE C 54 8.32 7.39 35.02
CA ILE C 54 7.07 7.48 35.79
C ILE C 54 7.15 8.66 36.75
N ASP C 55 8.32 8.89 37.34
CA ASP C 55 8.44 9.94 38.34
C ASP C 55 8.27 11.32 37.72
N ARG C 56 8.93 11.56 36.59
CA ARG C 56 8.88 12.85 35.95
C ARG C 56 7.46 13.19 35.49
N VAL C 57 6.70 12.20 35.02
CA VAL C 57 5.34 12.50 34.60
C VAL C 57 4.48 12.87 35.80
N ALA C 58 4.57 12.05 36.87
CA ALA C 58 3.89 12.37 38.13
C ALA C 58 4.30 13.75 38.62
N ALA C 59 5.60 14.02 38.64
CA ALA C 59 6.05 15.36 39.00
C ALA C 59 5.47 16.39 38.04
N ALA C 60 5.44 16.06 36.75
CA ALA C 60 4.87 16.99 35.79
C ALA C 60 3.39 17.19 36.06
N LEU C 61 2.67 16.11 36.41
CA LEU C 61 1.24 16.21 36.71
C LEU C 61 0.95 17.03 37.96
N SER C 62 1.71 16.81 39.04
CA SER C 62 1.45 17.49 40.30
C SER C 62 1.65 18.99 40.15
N ARG C 63 2.63 19.38 39.33
CA ARG C 63 2.90 20.77 39.07
C ARG C 63 1.78 21.46 38.32
N ARG C 64 0.90 20.71 37.67
CA ARG C 64 -0.32 21.21 37.08
C ARG C 64 -1.51 21.08 38.02
N ASN C 65 -1.25 20.77 39.29
CA ASN C 65 -2.29 20.61 40.32
C ASN C 65 -3.22 19.45 40.00
N VAL C 66 -2.64 18.34 39.53
CA VAL C 66 -3.41 17.15 39.23
C VAL C 66 -2.93 16.02 40.12
N GLN C 67 -3.86 15.41 40.85
CA GLN C 67 -3.60 14.17 41.57
C GLN C 67 -3.40 12.99 40.64
N SER C 68 -2.44 12.13 40.99
CA SER C 68 -2.20 10.89 40.29
C SER C 68 -2.04 9.73 41.29
N PHE C 69 -2.22 8.51 40.77
CA PHE C 69 -2.14 7.26 41.52
C PHE C 69 -1.32 6.27 40.71
N ARG C 70 -0.16 5.89 41.25
CA ARG C 70 0.74 4.97 40.57
C ARG C 70 0.29 3.53 40.85
N LEU C 71 -0.04 2.81 39.80
CA LEU C 71 -0.47 1.42 39.89
C LEU C 71 0.64 0.54 39.34
N ASP C 72 1.28 -0.23 40.21
CA ASP C 72 2.33 -1.15 39.75
C ASP C 72 1.66 -2.50 39.49
N THR C 73 1.48 -2.81 38.21
CA THR C 73 0.73 -4.00 37.80
C THR C 73 1.39 -5.30 38.25
N ASP C 74 2.73 -5.31 38.37
CA ASP C 74 3.39 -6.54 38.78
C ASP C 74 3.09 -6.88 40.24
N LYS C 75 2.61 -5.92 41.01
CA LYS C 75 2.24 -6.12 42.39
C LYS C 75 0.85 -6.71 42.55
N PHE C 76 0.15 -7.03 41.44
CA PHE C 76 -1.13 -7.74 41.48
C PHE C 76 -0.90 -9.17 41.04
N PRO C 77 -1.43 -10.19 41.76
CA PRO C 77 -2.36 -10.18 42.90
C PRO C 77 -1.70 -10.09 44.26
N MET C 78 -0.38 -9.94 44.31
CA MET C 78 0.36 -10.20 45.54
C MET C 78 0.15 -9.10 46.58
N THR C 79 0.04 -7.89 46.15
CA THR C 79 -0.10 -6.68 46.93
C THR C 79 -1.28 -5.81 46.53
N VAL C 80 -1.50 -5.63 45.23
CA VAL C 80 -2.65 -4.87 44.78
C VAL C 80 -3.92 -5.67 45.06
N LYS C 81 -4.98 -4.99 45.48
CA LYS C 81 -6.27 -5.63 45.70
C LYS C 81 -7.28 -5.06 44.72
N ILE C 82 -7.91 -5.93 43.95
CA ILE C 82 -8.98 -5.55 43.02
C ILE C 82 -10.30 -6.04 43.62
N GLN C 83 -11.34 -5.22 43.47
CA GLN C 83 -12.70 -5.64 43.77
C GLN C 83 -13.59 -5.14 42.64
N ALA C 84 -14.35 -6.03 41.99
CA ALA C 84 -15.28 -5.63 40.93
C ALA C 84 -16.60 -6.33 41.15
N TYR C 85 -17.66 -5.54 41.36
CA TYR C 85 -18.97 -6.03 41.77
C TYR C 85 -20.03 -5.63 40.75
N PHE C 86 -20.86 -6.61 40.38
CA PHE C 86 -21.92 -6.48 39.37
C PHE C 86 -23.26 -6.89 39.99
N HIS C 87 -24.21 -5.93 39.98
CA HIS C 87 -25.58 -6.08 40.49
C HIS C 87 -26.55 -5.50 39.47
N GLN C 88 -27.12 -6.30 38.58
CA GLN C 88 -28.09 -5.76 37.62
C GLN C 88 -27.77 -4.33 37.14
N SER C 89 -26.68 -4.18 36.39
CA SER C 89 -26.20 -2.92 35.78
C SER C 89 -25.69 -1.88 36.77
N ASN C 90 -25.78 -2.18 38.06
CA ASN C 90 -25.12 -1.34 39.04
C ASN C 90 -23.79 -2.01 39.30
N SER C 91 -22.73 -1.22 39.27
CA SER C 91 -21.39 -1.75 39.36
C SER C 91 -20.61 -0.95 40.38
N HIS C 92 -19.49 -1.52 40.80
CA HIS C 92 -18.58 -0.80 41.65
C HIS C 92 -17.21 -1.39 41.40
N HIS C 93 -16.22 -0.54 41.15
CA HIS C 93 -14.86 -1.00 40.92
C HIS C 93 -13.89 -0.18 41.76
N GLN C 94 -12.98 -0.87 42.46
CA GLN C 94 -11.95 -0.13 43.16
C GLN C 94 -10.68 -0.97 43.26
N ILE C 95 -9.56 -0.28 43.42
CA ILE C 95 -8.27 -0.92 43.68
C ILE C 95 -7.69 -0.36 44.96
N GLU C 96 -6.92 -1.21 45.61
CA GLU C 96 -6.08 -0.90 46.75
C GLU C 96 -4.62 -1.27 46.51
N TYR C 97 -3.76 -0.26 46.72
CA TYR C 97 -2.32 -0.33 46.55
C TYR C 97 -1.67 0.74 47.43
N GLY C 98 -0.59 0.36 48.11
CA GLY C 98 0.07 1.32 48.99
C GLY C 98 -0.84 1.99 49.99
N ASP C 99 -1.73 1.23 50.63
CA ASP C 99 -2.66 1.76 51.64
C ASP C 99 -3.59 2.85 51.10
N ILE C 100 -3.77 2.92 49.78
CA ILE C 100 -4.68 3.86 49.14
C ILE C 100 -5.73 3.06 48.38
N THR C 101 -7.00 3.43 48.55
CA THR C 101 -8.11 2.81 47.83
C THR C 101 -8.60 3.80 46.78
N LEU C 102 -8.63 3.36 45.52
CA LEU C 102 -9.02 4.22 44.40
C LEU C 102 -10.26 3.64 43.77
N ASN C 103 -11.31 4.43 43.71
CA ASN C 103 -12.51 4.06 43.00
C ASN C 103 -12.33 4.42 41.53
N THR C 104 -12.77 3.55 40.63
CA THR C 104 -12.58 3.85 39.21
C THR C 104 -13.37 5.07 38.78
N GLU C 105 -14.41 5.46 39.51
CA GLU C 105 -15.05 6.68 39.07
C GLU C 105 -14.26 7.92 39.46
N GLN C 106 -13.22 7.81 40.28
CA GLN C 106 -12.41 8.99 40.53
C GLN C 106 -11.39 9.24 39.43
N VAL C 107 -11.32 8.36 38.44
CA VAL C 107 -10.26 8.37 37.44
C VAL C 107 -10.74 9.12 36.20
N GLN C 108 -10.06 10.22 35.87
CA GLN C 108 -10.35 11.00 34.66
C GLN C 108 -9.46 10.63 33.49
N ALA C 109 -8.27 10.09 33.73
CA ALA C 109 -7.37 9.83 32.62
C ALA C 109 -6.44 8.72 33.06
N VAL C 110 -6.03 7.90 32.10
CA VAL C 110 -5.14 6.76 32.37
C VAL C 110 -3.93 6.89 31.48
N TRP C 111 -2.75 6.82 32.07
CA TRP C 111 -1.50 6.76 31.32
C TRP C 111 -1.10 5.30 31.24
N MET C 112 -1.19 4.72 30.06
CA MET C 112 -0.90 3.30 29.88
C MET C 112 0.56 3.14 29.51
N ARG C 113 1.44 3.09 30.52
CA ARG C 113 2.87 3.09 30.30
C ARG C 113 3.48 1.70 30.21
N ARG C 114 3.19 0.81 31.16
CA ARG C 114 3.75 -0.54 31.16
C ARG C 114 2.76 -1.48 31.85
N LEU C 115 2.47 -2.62 31.21
CA LEU C 115 1.64 -3.65 31.84
C LEU C 115 2.42 -4.96 31.96
N TRP C 116 2.88 -5.27 33.18
CA TRP C 116 3.67 -6.47 33.51
C TRP C 116 2.79 -7.66 33.87
N GLN C 117 3.41 -8.83 33.82
CA GLN C 117 2.78 -10.06 34.25
C GLN C 117 2.64 -10.08 35.77
N PRO C 118 1.67 -10.80 36.29
CA PRO C 118 1.54 -10.89 37.76
C PRO C 118 2.70 -11.66 38.36
N HIS C 119 3.16 -11.19 39.52
CA HIS C 119 4.22 -11.86 40.27
C HIS C 119 3.55 -12.78 41.28
N LEU C 120 3.78 -14.08 41.12
CA LEU C 120 3.18 -15.08 42.00
C LEU C 120 4.14 -15.52 43.10
N SER C 121 3.55 -16.03 44.17
CA SER C 121 4.35 -16.57 45.25
C SER C 121 5.19 -17.73 44.73
N PRO C 122 6.47 -17.82 45.12
CA PRO C 122 7.22 -19.05 44.88
C PRO C 122 6.68 -20.23 45.65
N GLU C 123 5.86 -19.96 46.67
CA GLU C 123 5.18 -20.96 47.49
C GLU C 123 3.89 -21.44 46.85
N LEU C 124 3.38 -20.74 45.83
CA LEU C 124 2.10 -21.08 45.24
C LEU C 124 2.21 -22.46 44.59
N ALA C 125 1.22 -23.31 44.81
CA ALA C 125 1.40 -24.70 44.45
C ALA C 125 1.39 -24.87 42.93
N PRO C 126 2.18 -25.82 42.43
CA PRO C 126 2.38 -25.94 40.97
C PRO C 126 1.09 -26.06 40.17
N GLN C 127 0.07 -26.73 40.69
CA GLN C 127 -1.20 -26.80 39.97
C GLN C 127 -1.90 -25.45 39.79
N TYR C 128 -1.51 -24.42 40.53
CA TYR C 128 -2.16 -23.11 40.45
C TYR C 128 -1.48 -22.04 39.61
N ARG C 129 -0.16 -22.11 39.38
CA ARG C 129 0.56 -20.94 38.83
C ARG C 129 -0.01 -20.47 37.51
N ASP C 130 -0.17 -21.37 36.53
CA ASP C 130 -0.61 -20.89 35.22
C ASP C 130 -2.07 -20.46 35.28
N ALA C 131 -2.91 -21.21 35.97
CA ALA C 131 -4.30 -20.79 36.13
C ALA C 131 -4.39 -19.43 36.78
N CYS C 132 -3.46 -19.11 37.68
CA CYS C 132 -3.60 -17.89 38.46
C CYS C 132 -3.05 -16.65 37.74
N THR C 133 -2.02 -16.78 36.90
CA THR C 133 -1.71 -15.75 35.92
C THR C 133 -2.82 -15.54 34.91
N LYS C 134 -3.32 -16.62 34.31
CA LYS C 134 -4.35 -16.44 33.30
C LYS C 134 -5.55 -15.76 33.91
N GLU C 135 -5.93 -16.16 35.12
CA GLU C 135 -7.01 -15.48 35.82
C GLU C 135 -6.66 -14.02 36.11
N SER C 136 -5.42 -13.76 36.53
CA SER C 136 -5.09 -12.40 36.90
C SER C 136 -4.98 -11.49 35.69
N LEU C 137 -4.62 -12.04 34.52
CA LEU C 137 -4.65 -11.24 33.31
C LEU C 137 -6.07 -10.98 32.84
N ALA C 138 -6.96 -11.95 33.03
CA ALA C 138 -8.36 -11.75 32.69
C ALA C 138 -9.02 -10.74 33.62
N VAL C 139 -8.63 -10.73 34.90
CA VAL C 139 -9.15 -9.71 35.80
C VAL C 139 -8.72 -8.32 35.35
N TRP C 140 -7.44 -8.16 35.03
CA TRP C 140 -6.95 -6.88 34.49
C TRP C 140 -7.78 -6.43 33.28
N ASP C 141 -8.05 -7.34 32.34
CA ASP C 141 -8.79 -7.00 31.14
C ASP C 141 -10.18 -6.49 31.45
N GLY C 142 -10.92 -7.24 32.26
CA GLY C 142 -12.25 -6.80 32.70
C GLY C 142 -12.19 -5.50 33.45
N PHE C 143 -11.11 -5.27 34.17
CA PHE C 143 -11.01 -4.05 34.95
C PHE C 143 -10.92 -2.81 34.06
N TRP C 144 -10.26 -2.92 32.91
CA TRP C 144 -10.11 -1.78 32.01
C TRP C 144 -11.45 -1.31 31.48
N ASP C 145 -12.40 -2.22 31.27
CA ASP C 145 -13.76 -1.82 30.86
C ASP C 145 -14.37 -0.82 31.82
N SER C 146 -14.07 -0.96 33.10
CA SER C 146 -14.50 -0.04 34.13
C SER C 146 -14.08 1.39 33.87
N LEU C 147 -12.97 1.60 33.16
CA LEU C 147 -12.41 2.91 32.93
C LEU C 147 -12.71 3.47 31.55
N ARG C 148 -13.65 2.86 30.83
CA ARG C 148 -13.84 3.20 29.43
C ARG C 148 -14.17 4.68 29.22
N HIS C 149 -14.67 5.37 30.23
CA HIS C 149 -14.99 6.79 30.13
C HIS C 149 -13.80 7.71 30.37
N ALA C 150 -12.72 7.22 30.97
CA ALA C 150 -11.54 8.04 31.18
C ALA C 150 -10.82 8.27 29.85
N HIS C 151 -9.99 9.30 29.81
CA HIS C 151 -9.18 9.57 28.64
C HIS C 151 -7.90 8.74 28.71
N TRP C 152 -7.70 7.86 27.75
CA TRP C 152 -6.55 6.96 27.77
C TRP C 152 -5.42 7.52 26.91
N VAL C 153 -4.20 7.40 27.43
CA VAL C 153 -2.99 7.58 26.65
C VAL C 153 -2.16 6.33 26.94
N ASP C 154 -2.40 5.24 26.21
CA ASP C 154 -3.37 5.15 25.12
C ASP C 154 -4.40 4.02 25.32
N ASP C 155 -5.43 3.99 24.46
CA ASP C 155 -6.35 2.87 24.45
C ASP C 155 -5.61 1.53 24.25
N LEU C 156 -5.94 0.54 25.06
CA LEU C 156 -5.25 -0.75 24.96
C LEU C 156 -5.60 -1.48 23.67
N GLN C 157 -6.86 -1.40 23.24
CA GLN C 157 -7.19 -1.98 21.95
C GLN C 157 -6.50 -1.22 20.80
N LYS C 158 -6.37 0.12 20.91
CA LYS C 158 -5.59 0.84 19.91
C LYS C 158 -4.12 0.45 19.96
N ILE C 159 -3.55 0.31 21.16
CA ILE C 159 -2.17 -0.14 21.27
C ILE C 159 -2.03 -1.52 20.66
N ASN C 160 -2.99 -2.41 20.92
CA ASN C 160 -2.85 -3.77 20.42
C ASN C 160 -2.90 -3.83 18.90
N ALA C 161 -3.82 -3.09 18.28
CA ALA C 161 -3.92 -3.10 16.83
C ALA C 161 -2.68 -2.49 16.19
N ALA C 162 -2.12 -1.43 16.81
CA ALA C 162 -0.92 -0.83 16.25
C ALA C 162 0.30 -1.74 16.34
N GLU C 163 0.27 -2.81 17.15
CA GLU C 163 1.39 -3.73 17.15
C GLU C 163 1.41 -4.70 15.96
N ASN C 164 0.40 -4.66 15.10
CA ASN C 164 0.33 -5.49 13.91
C ASN C 164 1.24 -4.81 12.87
N LYS C 165 2.46 -5.34 12.72
CA LYS C 165 3.50 -4.67 11.95
C LYS C 165 3.19 -4.64 10.46
N LEU C 166 2.55 -5.68 9.93
CA LEU C 166 2.17 -5.62 8.52
C LEU C 166 1.12 -4.54 8.32
N TYR C 167 0.23 -4.39 9.30
CA TYR C 167 -0.75 -3.31 9.29
C TYR C 167 -0.06 -1.94 9.30
N GLN C 168 0.95 -1.76 10.18
CA GLN C 168 1.75 -0.54 10.20
C GLN C 168 2.29 -0.20 8.81
N LEU C 169 2.75 -1.21 8.05
CA LEU C 169 3.33 -0.96 6.74
C LEU C 169 2.29 -0.41 5.78
N ARG C 170 1.07 -0.93 5.86
CA ARG C 170 0.02 -0.42 5.01
C ARG C 170 -0.31 1.03 5.35
N VAL C 171 -0.50 1.33 6.63
CA VAL C 171 -0.87 2.69 7.02
C VAL C 171 0.28 3.66 6.73
N ALA C 172 1.52 3.21 6.90
CA ALA C 172 2.66 4.07 6.59
C ALA C 172 2.66 4.47 5.13
N ALA C 173 2.41 3.52 4.23
CA ALA C 173 2.38 3.84 2.80
C ALA C 173 1.15 4.67 2.43
N GLU C 174 0.02 4.46 3.10
CA GLU C 174 -1.19 5.20 2.77
C GLU C 174 -1.06 6.69 3.13
N VAL C 175 -0.29 7.02 4.17
CA VAL C 175 -0.14 8.41 4.55
C VAL C 175 1.06 9.07 3.90
N GLY C 176 1.79 8.36 3.05
CA GLY C 176 2.91 8.93 2.33
C GLY C 176 4.29 8.64 2.87
N LEU C 177 4.44 7.71 3.82
CA LEU C 177 5.77 7.33 4.30
C LEU C 177 6.42 6.31 3.38
N VAL C 178 7.74 6.40 3.29
CA VAL C 178 8.52 5.40 2.56
C VAL C 178 8.67 4.16 3.44
N ILE C 179 8.37 2.99 2.87
CA ILE C 179 8.53 1.72 3.58
C ILE C 179 9.47 0.84 2.78
N PRO C 180 10.21 -0.05 3.42
CA PRO C 180 11.07 -0.96 2.68
C PRO C 180 10.24 -1.96 1.91
N PRO C 181 10.63 -2.30 0.68
CA PRO C 181 9.96 -3.41 0.01
C PRO C 181 10.09 -4.65 0.90
N THR C 182 8.95 -5.27 1.17
CA THR C 182 8.86 -6.35 2.14
C THR C 182 8.13 -7.52 1.52
N LEU C 183 8.68 -8.71 1.75
CA LEU C 183 8.09 -9.97 1.34
C LEU C 183 7.86 -10.78 2.59
N VAL C 184 6.64 -11.27 2.77
CA VAL C 184 6.31 -12.17 3.86
C VAL C 184 5.95 -13.52 3.27
N THR C 185 6.61 -14.57 3.76
CA THR C 185 6.44 -15.90 3.18
C THR C 185 6.97 -16.96 4.14
N ASN C 186 6.39 -18.15 4.04
CA ASN C 186 6.92 -19.29 4.78
C ASN C 186 7.81 -20.16 3.92
N ASN C 187 8.06 -19.74 2.68
CA ASN C 187 9.11 -20.35 1.87
C ASN C 187 10.31 -19.42 1.83
N PRO C 188 11.30 -19.58 2.72
CA PRO C 188 12.46 -18.67 2.67
C PRO C 188 13.28 -18.74 1.39
N LYS C 189 13.16 -19.81 0.58
CA LYS C 189 13.95 -19.88 -0.64
C LYS C 189 13.46 -18.89 -1.70
N GLU C 190 12.16 -18.65 -1.77
CA GLU C 190 11.68 -17.74 -2.80
C GLU C 190 11.89 -16.28 -2.40
N ALA C 191 12.00 -16.02 -1.10
CA ALA C 191 12.37 -14.69 -0.65
C ALA C 191 13.83 -14.38 -0.98
N ARG C 192 14.73 -15.34 -0.75
CA ARG C 192 16.13 -15.16 -1.13
C ARG C 192 16.27 -15.04 -2.65
N GLU C 193 15.50 -15.82 -3.39
CA GLU C 193 15.65 -15.81 -4.85
C GLU C 193 15.11 -14.53 -5.47
N PHE C 194 14.07 -13.93 -4.89
CA PHE C 194 13.58 -12.68 -5.42
C PHE C 194 14.58 -11.56 -5.18
N PHE C 195 15.08 -11.45 -3.96
CA PHE C 195 15.96 -10.34 -3.66
C PHE C 195 17.24 -10.36 -4.49
N GLU C 196 17.58 -11.49 -5.13
CA GLU C 196 18.70 -11.52 -6.06
C GLU C 196 18.35 -10.85 -7.38
N GLN C 197 17.12 -11.06 -7.86
CA GLN C 197 16.70 -10.47 -9.13
C GLN C 197 16.77 -8.95 -9.08
N VAL C 198 16.38 -8.36 -7.96
CA VAL C 198 16.33 -6.92 -7.78
C VAL C 198 17.62 -6.38 -7.15
N ASN C 199 18.67 -7.22 -7.11
CA ASN C 199 20.01 -6.82 -6.68
C ASN C 199 19.94 -6.15 -5.31
N GLY C 200 19.23 -6.80 -4.40
CA GLY C 200 19.13 -6.30 -3.05
C GLY C 200 19.79 -7.22 -2.06
N LYS C 201 20.07 -6.72 -0.86
CA LYS C 201 20.66 -7.54 0.19
C LYS C 201 19.54 -7.83 1.18
N MET C 202 19.26 -9.11 1.39
CA MET C 202 18.11 -9.50 2.19
C MET C 202 18.46 -9.45 3.66
N ILE C 203 17.56 -8.90 4.45
CA ILE C 203 17.67 -8.98 5.89
C ILE C 203 16.39 -9.61 6.39
N THR C 204 16.47 -10.34 7.49
CA THR C 204 15.30 -10.94 8.11
C THR C 204 14.95 -10.17 9.37
N LYS C 205 13.68 -10.15 9.67
CA LYS C 205 13.20 -9.36 10.78
C LYS C 205 12.08 -10.12 11.46
N LEU C 206 12.08 -10.11 12.79
CA LEU C 206 10.97 -10.62 13.56
C LEU C 206 9.86 -9.59 13.71
N LEU C 207 8.62 -10.00 13.49
CA LEU C 207 7.51 -9.32 14.11
C LEU C 207 7.56 -9.71 15.58
N LYS C 208 7.17 -8.81 16.46
CA LYS C 208 7.07 -9.14 17.89
C LYS C 208 8.37 -9.73 18.44
N PRO C 209 9.52 -9.07 18.23
CA PRO C 209 10.78 -9.71 18.66
C PRO C 209 10.85 -9.84 20.17
N LEU C 210 10.47 -8.79 20.89
CA LEU C 210 10.49 -8.73 22.34
C LEU C 210 9.10 -9.13 22.85
N SER C 211 8.96 -9.27 24.17
CA SER C 211 7.67 -9.66 24.75
C SER C 211 6.90 -8.47 25.31
N TYR C 212 5.62 -8.42 24.97
CA TYR C 212 4.71 -7.36 25.45
C TYR C 212 3.69 -7.87 26.48
N GLU C 229 20.73 -9.21 27.19
CA GLU C 229 20.87 -10.50 26.51
C GLU C 229 19.66 -10.76 25.63
N ASP C 230 19.94 -11.19 24.41
CA ASP C 230 18.90 -11.29 23.38
C ASP C 230 19.25 -12.38 22.40
N LEU C 231 19.86 -13.46 22.88
CA LEU C 231 20.30 -14.54 22.01
C LEU C 231 19.14 -15.38 21.48
N LEU C 232 17.93 -15.16 21.99
CA LEU C 232 16.84 -16.02 21.57
C LEU C 232 16.13 -15.39 20.37
N ASP C 233 15.95 -14.06 20.40
CA ASP C 233 15.48 -13.36 19.20
C ASP C 233 16.46 -13.61 18.06
N ALA C 234 17.75 -13.44 18.35
CA ALA C 234 18.79 -13.60 17.36
C ALA C 234 18.77 -14.97 16.70
N GLU C 235 18.51 -16.02 17.45
CA GLU C 235 18.49 -17.28 16.73
C GLU C 235 17.07 -17.84 16.58
N THR C 236 16.03 -17.12 16.99
CA THR C 236 14.66 -17.49 16.63
C THR C 236 14.60 -17.41 15.10
N LEU C 237 15.45 -16.54 14.56
CA LEU C 237 15.54 -16.36 13.14
C LEU C 237 16.03 -17.63 12.37
N ARG C 238 16.35 -18.85 12.86
CA ARG C 238 16.65 -20.09 12.11
C ARG C 238 15.46 -20.64 11.36
N TYR C 239 14.39 -20.91 12.11
CA TYR C 239 13.51 -21.94 11.59
C TYR C 239 12.09 -21.38 11.60
N CYS C 240 11.97 -20.02 11.71
CA CYS C 240 10.74 -19.24 11.52
C CYS C 240 10.96 -17.97 10.73
N PRO C 241 12.01 -17.82 9.92
CA PRO C 241 12.11 -16.53 9.22
C PRO C 241 11.00 -16.47 8.18
N MET C 242 10.18 -15.42 8.27
CA MET C 242 9.09 -15.21 7.32
C MET C 242 8.93 -13.77 6.85
N VAL C 243 9.57 -12.80 7.50
CA VAL C 243 9.54 -11.40 7.11
C VAL C 243 10.89 -11.04 6.51
N PHE C 244 10.91 -10.73 5.21
CA PHE C 244 12.14 -10.37 4.51
C PHE C 244 12.03 -8.99 3.89
N GLN C 245 13.03 -8.14 4.12
CA GLN C 245 13.08 -6.79 3.55
C GLN C 245 14.44 -6.52 2.94
N ALA C 246 14.44 -5.73 1.88
CA ALA C 246 15.67 -5.17 1.32
C ALA C 246 16.40 -4.32 2.36
N GLN C 247 17.72 -4.42 2.36
CA GLN C 247 18.52 -3.62 3.26
C GLN C 247 18.48 -2.18 2.79
N ILE C 248 18.27 -1.24 3.72
CA ILE C 248 18.08 0.16 3.40
C ILE C 248 19.42 0.87 3.61
N PRO C 249 19.96 1.54 2.59
CA PRO C 249 21.23 2.26 2.77
C PRO C 249 21.10 3.31 3.85
N LYS C 250 22.05 3.30 4.78
CA LYS C 250 21.89 4.06 6.01
C LYS C 250 22.91 5.19 6.08
N GLN C 251 22.42 6.40 6.27
CA GLN C 251 23.27 7.47 6.76
C GLN C 251 23.07 7.70 8.25
N GLN C 252 21.82 7.66 8.71
CA GLN C 252 21.52 7.82 10.13
C GLN C 252 20.32 6.97 10.52
N GLU C 253 20.25 6.63 11.80
CA GLU C 253 19.10 5.98 12.43
C GLU C 253 18.41 6.93 13.39
N LEU C 254 17.10 7.01 13.30
CA LEU C 254 16.34 7.91 14.14
C LEU C 254 15.42 7.14 15.09
N ARG C 255 15.25 7.69 16.29
CA ARG C 255 14.16 7.33 17.18
C ARG C 255 13.32 8.59 17.36
N ALA C 256 12.09 8.57 16.86
CA ALA C 256 11.24 9.76 16.90
C ALA C 256 10.06 9.48 17.83
N VAL C 257 10.02 10.17 18.96
CA VAL C 257 8.97 9.97 19.94
C VAL C 257 7.86 10.98 19.69
N TYR C 258 6.64 10.46 19.49
CA TYR C 258 5.47 11.27 19.15
C TYR C 258 4.61 11.42 20.40
N VAL C 259 4.32 12.65 20.78
CA VAL C 259 3.45 12.93 21.91
C VAL C 259 2.47 14.02 21.52
N ASN C 260 1.26 13.64 21.10
CA ASN C 260 0.18 14.60 20.89
C ASN C 260 0.57 15.68 19.87
N GLY C 261 1.22 15.25 18.78
CA GLY C 261 1.61 16.17 17.73
C GLY C 261 3.00 16.76 17.88
N ASN C 262 3.64 16.56 19.04
CA ASN C 262 5.00 17.02 19.26
C ASN C 262 5.98 15.89 18.98
N LEU C 263 7.08 16.23 18.29
CA LEU C 263 8.11 15.24 18.00
C LEU C 263 9.35 15.56 18.81
N PHE C 264 9.98 14.50 19.29
CA PHE C 264 11.26 14.53 19.99
C PHE C 264 12.09 13.44 19.34
N VAL C 265 13.06 13.83 18.53
CA VAL C 265 13.78 12.91 17.66
C VAL C 265 15.25 12.89 18.06
N GLY C 266 15.81 11.69 18.21
CA GLY C 266 17.23 11.51 18.43
C GLY C 266 17.85 10.73 17.29
N ALA C 267 19.09 11.06 16.95
CA ALA C 267 19.83 10.37 15.90
C ALA C 267 20.93 9.49 16.48
N LEU C 268 20.94 8.22 16.07
CA LEU C 268 22.03 7.31 16.41
C LEU C 268 23.12 7.47 15.36
N ASP C 269 24.37 7.65 15.80
CA ASP C 269 25.51 7.80 14.90
C ASP C 269 26.79 8.05 15.68
N ALA C 270 27.83 7.26 15.43
CA ALA C 270 29.14 7.50 16.03
C ALA C 270 29.83 8.52 15.14
N SER C 271 29.61 9.79 15.45
CA SER C 271 30.02 10.96 14.65
C SER C 271 29.31 10.96 13.29
N ALA C 283 20.47 -0.61 15.85
CA ALA C 283 20.45 0.13 17.10
C ALA C 283 20.60 -0.78 18.32
N ASN C 284 20.21 -0.25 19.47
CA ASN C 284 19.88 -1.02 20.67
C ASN C 284 19.17 -0.01 21.56
N GLN C 285 18.61 -0.50 22.67
CA GLN C 285 17.75 0.32 23.52
C GLN C 285 18.31 1.74 23.52
N GLU C 286 19.63 1.89 23.31
CA GLU C 286 20.16 3.16 23.72
C GLU C 286 21.68 3.06 23.65
N SER C 287 22.21 3.47 22.47
CA SER C 287 23.60 3.35 22.12
C SER C 287 24.37 4.49 22.74
N CYS C 288 25.68 4.45 22.67
CA CYS C 288 26.32 5.55 23.38
C CYS C 288 26.04 6.94 22.75
N THR C 289 25.44 7.03 21.57
CA THR C 289 25.06 8.32 21.02
C THR C 289 23.59 8.61 21.20
N TRP C 290 23.25 9.86 21.55
CA TRP C 290 22.03 10.49 21.05
C TRP C 290 22.37 11.93 20.71
N GLN C 291 22.15 12.30 19.47
CA GLN C 291 22.30 13.70 19.16
C GLN C 291 20.99 14.24 18.63
N PRO C 292 20.72 15.52 18.81
CA PRO C 292 19.39 16.02 18.45
C PRO C 292 19.21 15.98 16.94
N TYR C 293 17.98 15.72 16.53
CA TYR C 293 17.62 15.70 15.13
C TYR C 293 16.28 16.39 14.96
N GLU C 294 16.10 16.97 13.78
CA GLU C 294 14.80 17.51 13.36
C GLU C 294 14.28 16.83 12.11
N LEU C 295 13.09 16.37 12.23
CA LEU C 295 12.38 15.87 11.08
C LEU C 295 11.84 17.07 10.33
N PRO C 296 11.88 17.06 9.01
CA PRO C 296 11.23 18.14 8.25
C PRO C 296 9.74 18.18 8.58
N LYS C 297 9.16 19.37 8.44
CA LYS C 297 7.77 19.50 8.85
C LYS C 297 6.85 18.63 8.00
N GLU C 298 7.26 18.30 6.76
CA GLU C 298 6.44 17.47 5.90
C GLU C 298 6.40 16.03 6.36
N ILE C 299 7.49 15.53 6.94
CA ILE C 299 7.47 14.19 7.51
C ILE C 299 6.58 14.17 8.73
N ILE C 300 6.65 15.22 9.56
CA ILE C 300 5.84 15.30 10.76
C ILE C 300 4.35 15.26 10.40
N GLN C 301 3.97 15.93 9.31
CA GLN C 301 2.58 15.90 8.84
C GLN C 301 2.13 14.48 8.52
N HIS C 302 3.02 13.68 7.94
CA HIS C 302 2.73 12.26 7.71
C HIS C 302 2.53 11.52 9.05
N LEU C 303 3.37 11.82 10.05
CA LEU C 303 3.21 11.18 11.34
C LEU C 303 1.88 11.58 12.00
N ASP C 304 1.48 12.85 11.88
CA ASP C 304 0.16 13.25 12.39
C ASP C 304 -0.95 12.42 11.76
N GLN C 305 -0.90 12.26 10.44
CA GLN C 305 -1.89 11.43 9.74
C GLN C 305 -1.81 9.99 10.24
N PHE C 306 -0.59 9.45 10.31
CA PHE C 306 -0.35 8.07 10.75
C PHE C 306 -0.93 7.82 12.14
N MET C 307 -0.66 8.72 13.09
CA MET C 307 -1.15 8.52 14.45
C MET C 307 -2.66 8.70 14.55
N ALA C 308 -3.24 9.63 13.79
CA ALA C 308 -4.70 9.79 13.81
C ALA C 308 -5.38 8.51 13.33
N ARG C 309 -4.81 7.89 12.30
CA ARG C 309 -5.38 6.66 11.80
C ARG C 309 -5.24 5.54 12.83
N LEU C 310 -4.14 5.50 13.57
CA LEU C 310 -4.00 4.46 14.58
C LEU C 310 -4.74 4.79 15.88
N GLY C 311 -5.28 5.99 16.01
CA GLY C 311 -5.93 6.36 17.26
C GLY C 311 -5.01 6.44 18.47
N LEU C 312 -3.76 6.82 18.27
CA LEU C 312 -2.75 6.88 19.33
C LEU C 312 -2.33 8.31 19.59
N THR C 313 -2.23 8.68 20.87
CA THR C 313 -1.64 9.93 21.28
C THR C 313 -0.11 9.84 21.35
N PHE C 314 0.40 8.65 21.65
CA PHE C 314 1.81 8.46 21.92
C PHE C 314 2.40 7.35 21.05
N GLY C 315 3.67 7.49 20.67
CA GLY C 315 4.34 6.37 20.03
C GLY C 315 5.81 6.68 19.79
N ALA C 316 6.57 5.60 19.59
CA ALA C 316 7.99 5.69 19.25
C ALA C 316 8.21 5.09 17.87
N PHE C 317 8.71 5.89 16.91
CA PHE C 317 8.97 5.48 15.54
C PHE C 317 10.44 5.11 15.36
N ASP C 318 10.71 4.21 14.41
CA ASP C 318 12.07 3.91 13.96
C ASP C 318 12.23 4.31 12.50
N PHE C 319 13.19 5.18 12.22
CA PHE C 319 13.44 5.63 10.85
C PHE C 319 14.89 5.40 10.47
N ILE C 320 15.11 5.07 9.21
CA ILE C 320 16.41 5.18 8.58
C ILE C 320 16.41 6.46 7.75
N VAL C 321 17.49 7.24 7.87
CA VAL C 321 17.78 8.32 6.92
C VAL C 321 18.82 7.79 5.96
N THR C 322 18.47 7.78 4.67
CA THR C 322 19.34 7.27 3.62
C THR C 322 20.40 8.31 3.25
N PRO C 323 21.44 7.91 2.52
CA PRO C 323 22.41 8.89 2.01
C PRO C 323 21.78 9.97 1.11
N LEU C 324 20.64 9.70 0.48
CA LEU C 324 19.89 10.71 -0.25
C LEU C 324 18.92 11.49 0.63
N GLU C 325 19.05 11.39 1.96
CA GLU C 325 18.15 12.06 2.91
C GLU C 325 16.69 11.65 2.70
N GLU C 326 16.45 10.38 2.36
CA GLU C 326 15.10 9.84 2.43
C GLU C 326 14.84 9.33 3.85
N TYR C 327 13.60 9.47 4.32
CA TYR C 327 13.18 8.99 5.64
C TYR C 327 12.37 7.72 5.44
N VAL C 328 12.95 6.58 5.84
CA VAL C 328 12.30 5.29 5.64
C VAL C 328 11.73 4.81 6.96
N PHE C 329 10.41 4.65 6.99
CA PHE C 329 9.73 4.13 8.17
C PHE C 329 10.11 2.67 8.35
N LEU C 330 10.54 2.32 9.55
CA LEU C 330 10.80 0.92 9.86
C LEU C 330 9.69 0.31 10.69
N GLU C 331 9.34 0.94 11.80
CA GLU C 331 8.23 0.49 12.62
C GLU C 331 7.86 1.60 13.58
N ILE C 332 6.71 1.42 14.23
CA ILE C 332 6.36 2.19 15.40
C ILE C 332 6.17 1.20 16.54
N ASN C 333 6.64 1.58 17.72
CA ASN C 333 6.32 0.83 18.93
C ASN C 333 5.39 1.68 19.78
N PRO C 334 4.13 1.29 19.93
CA PRO C 334 3.18 2.14 20.68
C PRO C 334 3.57 2.38 22.13
N THR C 335 4.37 1.51 22.75
CA THR C 335 4.86 1.70 24.11
C THR C 335 6.38 1.82 24.13
N GLY C 336 6.95 2.42 23.09
CA GLY C 336 8.40 2.53 22.98
C GLY C 336 8.97 3.41 24.08
N GLU C 337 10.22 3.11 24.43
CA GLU C 337 10.91 3.85 25.48
C GLU C 337 11.31 5.25 24.99
N TRP C 338 11.18 6.22 25.89
CA TRP C 338 11.50 7.60 25.60
C TRP C 338 12.40 8.24 26.66
N GLY C 339 12.69 7.58 27.78
CA GLY C 339 13.38 8.23 28.88
C GLY C 339 14.79 8.70 28.56
N MET C 340 15.49 7.92 27.72
CA MET C 340 16.82 8.30 27.26
C MET C 340 16.81 9.69 26.63
N LEU C 341 15.79 10.00 25.83
CA LEU C 341 15.83 11.22 25.05
C LEU C 341 15.62 12.42 25.96
N GLU C 342 14.73 12.29 26.94
CA GLU C 342 14.55 13.34 27.94
C GLU C 342 15.81 13.52 28.77
N ARG C 343 16.50 12.42 29.08
CA ARG C 343 17.69 12.48 29.93
C ARG C 343 18.92 12.95 29.13
N ASP C 344 19.17 12.33 27.97
CA ASP C 344 20.37 12.62 27.20
C ASP C 344 20.30 13.94 26.43
N LEU C 345 19.12 14.35 25.97
CA LEU C 345 18.98 15.54 25.13
C LEU C 345 18.15 16.66 25.75
N ASN C 346 17.62 16.48 26.95
CA ASN C 346 16.83 17.50 27.64
C ASN C 346 15.55 17.86 26.90
N TYR C 347 15.00 16.90 26.16
CA TYR C 347 13.69 17.05 25.56
C TYR C 347 12.61 17.00 26.63
N PRO C 348 11.68 17.93 26.64
CA PRO C 348 10.59 17.90 27.62
C PRO C 348 9.47 16.92 27.26
N ILE C 349 9.85 15.66 27.02
CA ILE C 349 8.88 14.64 26.63
C ILE C 349 7.88 14.39 27.75
N SER C 350 8.37 14.29 28.99
CA SER C 350 7.47 14.01 30.10
C SER C 350 6.48 15.15 30.24
N GLU C 351 6.90 16.32 29.84
CA GLU C 351 5.99 17.37 30.10
C GLU C 351 4.88 17.44 29.09
N ALA C 352 5.14 16.99 27.87
CA ALA C 352 4.06 16.82 26.91
C ALA C 352 3.09 15.72 27.32
N ILE C 353 3.60 14.64 27.92
CA ILE C 353 2.72 13.53 28.29
C ILE C 353 1.68 14.01 29.29
N ALA C 354 2.13 14.72 30.33
CA ALA C 354 1.18 15.24 31.30
C ALA C 354 0.15 16.14 30.64
N ASP C 355 0.56 16.94 29.65
CA ASP C 355 -0.40 17.88 29.06
C ASP C 355 -1.45 17.17 28.23
N SER C 356 -1.07 16.14 27.48
CA SER C 356 -2.06 15.35 26.78
C SER C 356 -2.89 14.47 27.73
N LEU C 357 -2.40 14.18 28.93
CA LEU C 357 -3.22 13.40 29.85
C LEU C 357 -4.35 14.26 30.40
N ILE C 358 -4.14 15.55 30.62
CA ILE C 358 -5.16 16.36 31.23
C ILE C 358 -5.96 17.17 30.22
N GLN C 359 -5.70 17.01 28.92
CA GLN C 359 -6.48 17.73 27.92
C GLN C 359 -7.73 16.96 27.46
N ASN C 360 -7.72 15.63 27.53
CA ASN C 360 -8.87 14.80 27.18
C ASN C 360 -9.43 15.16 25.80
N LEU D 37 21.57 -7.10 -43.04
CA LEU D 37 22.10 -5.74 -43.00
C LEU D 37 21.84 -5.07 -44.37
N GLN D 38 20.67 -4.40 -44.52
CA GLN D 38 20.06 -3.82 -45.73
C GLN D 38 18.54 -3.78 -45.77
N ARG D 39 18.07 -2.54 -45.94
CA ARG D 39 16.71 -2.11 -45.57
C ARG D 39 15.66 -2.50 -46.58
N ASP D 40 14.94 -3.52 -46.25
CA ASP D 40 13.86 -3.96 -47.12
C ASP D 40 12.76 -4.60 -46.30
N VAL D 41 12.85 -4.56 -44.98
CA VAL D 41 11.85 -5.18 -44.14
C VAL D 41 10.98 -4.12 -43.53
N VAL D 42 9.68 -4.34 -43.60
CA VAL D 42 8.71 -3.51 -42.92
C VAL D 42 8.29 -4.25 -41.65
N LEU D 43 8.61 -3.66 -40.49
CA LEU D 43 8.26 -4.26 -39.21
C LEU D 43 6.83 -3.87 -38.87
N LEU D 44 5.97 -4.86 -38.67
CA LEU D 44 4.58 -4.66 -38.33
C LEU D 44 4.41 -4.93 -36.84
N ILE D 45 4.09 -3.90 -36.08
CA ILE D 45 4.01 -3.99 -34.63
C ILE D 45 2.56 -4.09 -34.21
N THR D 46 2.17 -5.26 -33.71
CA THR D 46 0.79 -5.44 -33.28
C THR D 46 0.76 -6.46 -32.15
N HIS D 47 -0.37 -7.16 -31.98
CA HIS D 47 -0.46 -8.21 -30.99
C HIS D 47 -0.95 -9.48 -31.67
N SER D 48 -0.85 -10.60 -30.94
CA SER D 48 -1.09 -11.91 -31.53
C SER D 48 -2.54 -12.11 -31.96
N GLY D 49 -3.48 -11.50 -31.24
CA GLY D 49 -4.88 -11.66 -31.59
C GLY D 49 -5.40 -10.58 -32.51
N ASP D 50 -4.49 -9.94 -33.24
CA ASP D 50 -4.87 -8.93 -34.23
C ASP D 50 -5.18 -9.60 -35.58
N TYR D 51 -6.33 -9.25 -36.16
CA TYR D 51 -6.74 -9.85 -37.42
C TYR D 51 -7.31 -8.79 -38.35
N PHE D 52 -7.52 -9.22 -39.60
CA PHE D 52 -8.04 -8.45 -40.72
C PHE D 52 -7.18 -7.26 -41.11
N THR D 53 -7.02 -6.29 -40.19
CA THR D 53 -6.21 -5.12 -40.46
C THR D 53 -4.76 -5.49 -40.72
N ILE D 54 -4.18 -6.31 -39.83
CA ILE D 54 -2.77 -6.72 -39.99
C ILE D 54 -2.62 -7.59 -41.24
N ASP D 55 -3.60 -8.45 -41.50
CA ASP D 55 -3.52 -9.36 -42.64
C ASP D 55 -3.62 -8.59 -43.96
N ARG D 56 -4.60 -7.69 -44.08
CA ARG D 56 -4.78 -6.95 -45.33
C ARG D 56 -3.59 -6.05 -45.64
N VAL D 57 -3.00 -5.42 -44.61
CA VAL D 57 -1.84 -4.58 -44.86
C VAL D 57 -0.65 -5.42 -45.27
N ALA D 58 -0.40 -6.51 -44.52
CA ALA D 58 0.67 -7.44 -44.86
C ALA D 58 0.54 -7.93 -46.32
N ALA D 59 -0.67 -8.35 -46.70
CA ALA D 59 -0.92 -8.78 -48.08
C ALA D 59 -0.62 -7.67 -49.09
N ALA D 60 -1.03 -6.43 -48.80
CA ALA D 60 -0.72 -5.33 -49.70
C ALA D 60 0.78 -5.07 -49.79
N LEU D 61 1.49 -5.17 -48.67
CA LEU D 61 2.94 -4.97 -48.72
C LEU D 61 3.61 -6.00 -49.61
N SER D 62 3.22 -7.27 -49.46
CA SER D 62 3.82 -8.31 -50.29
C SER D 62 3.48 -8.11 -51.77
N ARG D 63 2.29 -7.58 -52.06
CA ARG D 63 1.93 -7.32 -53.46
C ARG D 63 2.83 -6.28 -54.12
N ARG D 64 3.55 -5.48 -53.34
CA ARG D 64 4.60 -4.64 -53.90
C ARG D 64 5.93 -5.34 -53.85
N ASN D 65 5.93 -6.62 -53.48
CA ASN D 65 7.16 -7.39 -53.35
C ASN D 65 8.06 -6.76 -52.31
N VAL D 66 7.49 -6.33 -51.19
CA VAL D 66 8.28 -5.81 -50.08
C VAL D 66 8.07 -6.74 -48.89
N GLN D 67 9.18 -7.12 -48.27
CA GLN D 67 9.17 -8.03 -47.13
C GLN D 67 8.60 -7.35 -45.89
N SER D 68 7.86 -8.13 -45.09
CA SER D 68 7.39 -7.67 -43.80
C SER D 68 7.64 -8.73 -42.74
N PHE D 69 7.68 -8.28 -41.49
CA PHE D 69 7.95 -9.11 -40.32
C PHE D 69 6.90 -8.72 -39.29
N ARG D 70 6.02 -9.66 -38.94
CA ARG D 70 4.97 -9.39 -37.95
C ARG D 70 5.49 -9.68 -36.54
N LEU D 71 5.53 -8.65 -35.70
CA LEU D 71 5.99 -8.74 -34.32
C LEU D 71 4.79 -8.58 -33.38
N ASP D 72 4.47 -9.64 -32.64
CA ASP D 72 3.37 -9.62 -31.67
C ASP D 72 3.91 -9.17 -30.32
N THR D 73 3.59 -7.94 -29.93
CA THR D 73 4.19 -7.36 -28.73
C THR D 73 3.82 -8.14 -27.47
N ASP D 74 2.62 -8.74 -27.45
CA ASP D 74 2.17 -9.52 -26.30
C ASP D 74 2.96 -10.81 -26.15
N LYS D 75 3.58 -11.29 -27.22
CA LYS D 75 4.38 -12.49 -27.19
C LYS D 75 5.77 -12.26 -26.63
N PHE D 76 6.07 -11.06 -26.14
CA PHE D 76 7.27 -10.70 -25.41
C PHE D 76 6.92 -10.48 -23.95
N PRO D 77 7.71 -10.99 -22.98
CA PRO D 77 9.03 -11.63 -23.10
C PRO D 77 9.10 -13.15 -23.25
N MET D 78 7.97 -13.85 -23.23
CA MET D 78 8.00 -15.29 -23.07
C MET D 78 8.30 -16.05 -24.36
N THR D 79 8.02 -15.48 -25.51
CA THR D 79 8.27 -16.11 -26.81
C THR D 79 9.27 -15.32 -27.63
N VAL D 80 9.07 -14.00 -27.70
CA VAL D 80 9.98 -13.10 -28.42
C VAL D 80 11.29 -12.96 -27.67
N LYS D 81 12.41 -12.91 -28.39
CA LYS D 81 13.71 -12.70 -27.78
C LYS D 81 14.35 -11.40 -28.26
N ILE D 82 14.77 -10.55 -27.31
CA ILE D 82 15.46 -9.30 -27.60
C ILE D 82 16.92 -9.40 -27.22
N GLN D 83 17.79 -8.87 -28.08
CA GLN D 83 19.20 -8.70 -27.77
C GLN D 83 19.61 -7.29 -28.16
N ALA D 84 20.22 -6.58 -27.22
CA ALA D 84 20.66 -5.22 -27.50
C ALA D 84 22.09 -5.12 -27.00
N TYR D 85 23.00 -4.84 -27.92
CA TYR D 85 24.41 -4.87 -27.58
C TYR D 85 24.99 -3.49 -27.80
N PHE D 86 25.67 -2.97 -26.77
CA PHE D 86 26.28 -1.65 -26.79
C PHE D 86 27.76 -1.78 -26.45
N HIS D 87 28.63 -1.37 -27.38
CA HIS D 87 30.08 -1.36 -27.15
C HIS D 87 30.69 -0.13 -27.82
N GLN D 88 30.99 0.92 -27.03
CA GLN D 88 31.49 2.20 -27.52
C GLN D 88 30.76 2.51 -28.84
N SER D 89 31.44 2.93 -29.93
CA SER D 89 30.68 3.27 -31.14
C SER D 89 29.85 2.18 -31.75
N ASN D 90 30.00 0.96 -31.37
CA ASN D 90 29.30 -0.07 -32.10
C ASN D 90 28.07 -0.53 -31.34
N SER D 91 27.01 -0.74 -32.08
CA SER D 91 25.75 -1.20 -31.53
C SER D 91 25.33 -2.39 -32.35
N HIS D 92 24.45 -3.21 -31.78
CA HIS D 92 23.83 -4.31 -32.50
C HIS D 92 22.52 -4.69 -31.81
N HIS D 93 21.42 -4.73 -32.57
CA HIS D 93 20.12 -5.12 -32.02
C HIS D 93 19.44 -6.12 -32.95
N GLN D 94 18.85 -7.16 -32.35
CA GLN D 94 18.03 -8.08 -33.13
C GLN D 94 16.90 -8.62 -32.27
N ILE D 95 15.85 -9.05 -32.95
CA ILE D 95 14.66 -9.63 -32.34
C ILE D 95 14.44 -11.00 -32.98
N GLU D 96 13.97 -11.97 -32.19
CA GLU D 96 13.65 -13.29 -32.72
C GLU D 96 12.22 -13.65 -32.37
N TYR D 97 11.42 -14.00 -33.38
CA TYR D 97 10.03 -14.36 -33.14
C TYR D 97 9.59 -15.34 -34.20
N GLY D 98 8.87 -16.37 -33.76
CA GLY D 98 8.44 -17.44 -34.64
C GLY D 98 9.55 -18.06 -35.44
N ASP D 99 10.74 -18.20 -34.82
CA ASP D 99 11.94 -18.78 -35.42
C ASP D 99 12.45 -17.98 -36.63
N ILE D 100 12.12 -16.70 -36.75
CA ILE D 100 12.74 -15.83 -37.75
C ILE D 100 13.48 -14.74 -36.99
N THR D 101 14.72 -14.49 -37.38
CA THR D 101 15.57 -13.50 -36.71
C THR D 101 15.66 -12.24 -37.55
N LEU D 102 15.36 -11.11 -36.93
CA LEU D 102 15.36 -9.81 -37.59
C LEU D 102 16.36 -8.90 -36.92
N ASN D 103 17.32 -8.40 -37.70
CA ASN D 103 18.23 -7.36 -37.24
C ASN D 103 17.58 -5.99 -37.51
N THR D 104 17.68 -5.08 -36.53
CA THR D 104 16.98 -3.81 -36.68
C THR D 104 17.51 -2.99 -37.84
N GLU D 105 18.70 -3.30 -38.34
CA GLU D 105 19.22 -2.58 -39.49
C GLU D 105 18.59 -3.01 -40.80
N GLN D 106 17.87 -4.13 -40.83
CA GLN D 106 17.14 -4.52 -42.03
C GLN D 106 15.81 -3.82 -42.16
N VAL D 107 15.44 -2.98 -41.19
CA VAL D 107 14.10 -2.41 -41.13
C VAL D 107 14.12 -1.02 -41.74
N GLN D 108 13.33 -0.84 -42.81
CA GLN D 108 13.16 0.45 -43.46
C GLN D 108 11.95 1.20 -42.95
N ALA D 109 10.98 0.49 -42.38
CA ALA D 109 9.74 1.10 -41.98
C ALA D 109 9.17 0.31 -40.83
N VAL D 110 8.44 1.03 -39.97
CA VAL D 110 7.74 0.45 -38.85
C VAL D 110 6.27 0.83 -39.00
N TRP D 111 5.39 -0.14 -38.94
CA TRP D 111 3.97 0.12 -38.81
C TRP D 111 3.63 -0.07 -37.34
N MET D 112 3.41 1.02 -36.63
CA MET D 112 3.10 0.96 -35.21
C MET D 112 1.59 0.85 -35.11
N ARG D 113 1.11 -0.38 -35.13
CA ARG D 113 -0.32 -0.70 -35.16
C ARG D 113 -0.90 -0.90 -33.76
N ARG D 114 -0.23 -1.70 -32.92
CA ARG D 114 -0.65 -1.93 -31.54
C ARG D 114 0.57 -2.24 -30.69
N LEU D 115 0.66 -1.62 -29.52
CA LEU D 115 1.66 -2.00 -28.52
C LEU D 115 0.90 -2.50 -27.30
N TRP D 116 0.82 -3.82 -27.18
CA TRP D 116 0.20 -4.43 -26.02
C TRP D 116 1.27 -4.73 -25.00
N GLN D 117 0.86 -4.86 -23.76
CA GLN D 117 1.91 -5.25 -22.84
C GLN D 117 2.18 -6.72 -22.73
N PRO D 118 3.32 -7.00 -22.11
CA PRO D 118 3.77 -8.38 -21.99
C PRO D 118 2.85 -9.24 -21.16
N HIS D 119 2.65 -10.43 -21.68
CA HIS D 119 1.90 -11.48 -21.02
C HIS D 119 2.96 -12.25 -20.26
N LEU D 120 2.90 -12.18 -18.93
CA LEU D 120 4.01 -12.65 -18.11
C LEU D 120 3.84 -14.06 -17.55
N SER D 121 2.74 -14.76 -17.88
CA SER D 121 2.37 -16.13 -17.53
C SER D 121 1.27 -16.16 -16.49
N PRO D 122 0.32 -17.07 -16.62
CA PRO D 122 -0.59 -17.35 -15.50
C PRO D 122 0.22 -17.83 -14.31
N GLU D 123 -0.39 -17.72 -13.12
CA GLU D 123 0.30 -18.03 -11.86
C GLU D 123 1.44 -17.05 -11.72
N LEU D 124 2.68 -17.55 -11.74
CA LEU D 124 3.90 -16.79 -11.49
C LEU D 124 3.86 -15.86 -10.28
N ALA D 125 4.95 -15.84 -9.55
CA ALA D 125 5.00 -15.16 -8.27
C ALA D 125 4.68 -13.68 -8.46
N PRO D 126 3.68 -13.16 -7.74
CA PRO D 126 3.27 -11.77 -7.95
C PRO D 126 4.38 -10.78 -7.69
N GLN D 127 5.27 -11.08 -6.75
CA GLN D 127 6.39 -10.19 -6.49
C GLN D 127 7.27 -10.03 -7.74
N TYR D 128 7.34 -11.03 -8.61
CA TYR D 128 8.14 -10.86 -9.82
C TYR D 128 7.34 -10.18 -10.91
N ARG D 129 6.01 -10.38 -10.91
CA ARG D 129 5.20 -9.98 -12.05
C ARG D 129 5.35 -8.52 -12.40
N ASP D 130 5.23 -7.63 -11.42
CA ASP D 130 5.30 -6.23 -11.79
C ASP D 130 6.73 -5.77 -12.05
N ALA D 131 7.72 -6.28 -11.31
CA ALA D 131 9.09 -5.93 -11.66
C ALA D 131 9.42 -6.32 -13.09
N CYS D 132 8.92 -7.46 -13.55
CA CYS D 132 9.28 -7.92 -14.88
C CYS D 132 8.37 -7.38 -15.98
N THR D 133 7.13 -6.96 -15.67
CA THR D 133 6.39 -6.16 -16.63
C THR D 133 7.05 -4.79 -16.83
N LYS D 134 7.32 -4.09 -15.74
CA LYS D 134 7.98 -2.80 -15.91
C LYS D 134 9.33 -2.96 -16.57
N GLU D 135 10.07 -4.00 -16.20
CA GLU D 135 11.36 -4.29 -16.83
C GLU D 135 11.21 -4.55 -18.33
N SER D 136 10.19 -5.30 -18.73
CA SER D 136 10.05 -5.63 -20.14
C SER D 136 9.62 -4.42 -20.94
N LEU D 137 8.96 -3.47 -20.29
CA LEU D 137 8.57 -2.23 -20.98
C LEU D 137 9.77 -1.34 -21.24
N ALA D 138 10.73 -1.29 -20.31
CA ALA D 138 11.92 -0.50 -20.55
C ALA D 138 12.74 -1.09 -21.68
N VAL D 139 12.72 -2.41 -21.83
CA VAL D 139 13.39 -3.02 -22.97
C VAL D 139 12.78 -2.52 -24.26
N TRP D 140 11.44 -2.52 -24.34
CA TRP D 140 10.77 -2.00 -25.54
C TRP D 140 11.24 -0.59 -25.86
N ASP D 141 11.35 0.27 -24.84
CA ASP D 141 11.77 1.66 -25.04
C ASP D 141 13.15 1.74 -25.67
N GLY D 142 14.11 1.02 -25.09
CA GLY D 142 15.44 0.94 -25.68
C GLY D 142 15.43 0.40 -27.09
N PHE D 143 14.50 -0.50 -27.38
CA PHE D 143 14.53 -1.12 -28.69
C PHE D 143 14.19 -0.13 -29.80
N TRP D 144 13.24 0.79 -29.55
CA TRP D 144 12.83 1.71 -30.62
C TRP D 144 13.97 2.61 -31.08
N ASP D 145 14.84 3.01 -30.16
CA ASP D 145 15.97 3.87 -30.50
C ASP D 145 16.83 3.27 -31.61
N SER D 146 17.01 1.96 -31.59
CA SER D 146 17.72 1.30 -32.67
C SER D 146 16.96 1.40 -34.00
N LEU D 147 15.66 1.67 -33.97
CA LEU D 147 14.86 1.73 -35.18
C LEU D 147 14.64 3.17 -35.65
N ARG D 148 15.41 4.12 -35.10
CA ARG D 148 15.23 5.51 -35.45
C ARG D 148 15.47 5.80 -36.94
N HIS D 149 16.29 5.04 -37.66
CA HIS D 149 16.28 5.27 -39.11
C HIS D 149 15.04 4.79 -39.85
N ALA D 150 14.26 3.84 -39.33
CA ALA D 150 13.15 3.42 -40.16
C ALA D 150 12.16 4.58 -40.26
N HIS D 151 11.35 4.56 -41.30
CA HIS D 151 10.25 5.50 -41.41
C HIS D 151 9.09 4.95 -40.62
N TRP D 152 8.67 5.67 -39.59
CA TRP D 152 7.65 5.17 -38.69
C TRP D 152 6.29 5.71 -39.09
N VAL D 153 5.29 4.84 -39.11
CA VAL D 153 3.90 5.22 -39.19
C VAL D 153 3.21 4.54 -38.00
N ASP D 154 3.22 5.20 -36.83
CA ASP D 154 3.83 6.51 -36.58
C ASP D 154 4.84 6.48 -35.45
N ASP D 155 5.63 7.55 -35.37
CA ASP D 155 6.58 7.75 -34.28
C ASP D 155 5.85 7.69 -32.94
N LEU D 156 6.40 6.90 -32.02
CA LEU D 156 5.74 6.63 -30.75
C LEU D 156 5.69 7.86 -29.86
N GLN D 157 6.77 8.65 -29.84
CA GLN D 157 6.73 9.89 -29.09
C GLN D 157 5.70 10.84 -29.70
N LYS D 158 5.57 10.85 -31.04
CA LYS D 158 4.53 11.65 -31.68
C LYS D 158 3.13 11.13 -31.33
N ILE D 159 2.95 9.81 -31.31
CA ILE D 159 1.64 9.25 -30.94
C ILE D 159 1.27 9.65 -29.51
N ASN D 160 2.23 9.54 -28.59
CA ASN D 160 1.98 9.82 -27.19
C ASN D 160 1.63 11.29 -26.95
N ALA D 161 2.32 12.21 -27.63
CA ALA D 161 2.00 13.63 -27.49
C ALA D 161 0.62 13.94 -28.05
N ALA D 162 0.28 13.34 -29.20
CA ALA D 162 -1.02 13.58 -29.84
C ALA D 162 -2.18 13.02 -29.03
N GLU D 163 -1.91 12.11 -28.07
CA GLU D 163 -2.97 11.56 -27.24
C GLU D 163 -3.45 12.53 -26.19
N ASN D 164 -2.78 13.67 -26.10
CA ASN D 164 -3.11 14.72 -25.14
C ASN D 164 -4.29 15.49 -25.71
N LYS D 165 -5.48 15.25 -25.18
CA LYS D 165 -6.66 15.82 -25.81
C LYS D 165 -6.73 17.34 -25.66
N LEU D 166 -6.22 17.90 -24.56
CA LEU D 166 -6.24 19.36 -24.46
C LEU D 166 -5.28 19.97 -25.47
N TYR D 167 -4.15 19.31 -25.70
CA TYR D 167 -3.25 19.69 -26.79
C TYR D 167 -3.94 19.58 -28.14
N GLN D 168 -4.71 18.51 -28.36
CA GLN D 168 -5.46 18.37 -29.60
C GLN D 168 -6.35 19.59 -29.86
N LEU D 169 -7.06 20.04 -28.82
CA LEU D 169 -7.98 21.16 -29.01
C LEU D 169 -7.20 22.42 -29.37
N ARG D 170 -6.02 22.59 -28.80
CA ARG D 170 -5.24 23.77 -29.14
C ARG D 170 -4.83 23.77 -30.60
N VAL D 171 -4.31 22.64 -31.09
CA VAL D 171 -3.81 22.55 -32.46
C VAL D 171 -4.96 22.63 -33.47
N ALA D 172 -6.09 22.01 -33.14
CA ALA D 172 -7.23 22.11 -34.06
C ALA D 172 -7.62 23.56 -34.26
N ALA D 173 -7.70 24.32 -33.17
CA ALA D 173 -8.05 25.72 -33.33
C ALA D 173 -6.96 26.47 -34.06
N GLU D 174 -5.70 26.09 -33.82
CA GLU D 174 -4.60 26.81 -34.43
C GLU D 174 -4.57 26.62 -35.94
N VAL D 175 -5.09 25.51 -36.45
CA VAL D 175 -5.11 25.29 -37.89
C VAL D 175 -6.43 25.70 -38.51
N GLY D 176 -7.34 26.25 -37.72
CA GLY D 176 -8.58 26.81 -38.24
C GLY D 176 -9.81 25.94 -38.15
N LEU D 177 -9.75 24.82 -37.42
CA LEU D 177 -10.92 23.98 -37.21
C LEU D 177 -11.76 24.50 -36.04
N VAL D 178 -13.06 24.31 -36.16
CA VAL D 178 -13.99 24.64 -35.08
C VAL D 178 -13.91 23.56 -34.00
N ILE D 179 -13.81 23.98 -32.75
CA ILE D 179 -13.82 23.08 -31.61
C ILE D 179 -14.98 23.50 -30.70
N PRO D 180 -15.59 22.57 -29.96
CA PRO D 180 -16.66 22.95 -29.05
C PRO D 180 -16.07 23.74 -27.86
N PRO D 181 -16.80 24.70 -27.35
CA PRO D 181 -16.34 25.32 -26.10
C PRO D 181 -16.20 24.26 -25.01
N THR D 182 -15.03 24.23 -24.37
CA THR D 182 -14.79 23.18 -23.38
C THR D 182 -14.20 23.78 -22.12
N LEU D 183 -14.62 23.25 -20.98
CA LEU D 183 -14.12 23.65 -19.69
C LEU D 183 -13.47 22.44 -19.07
N VAL D 184 -12.25 22.61 -18.56
CA VAL D 184 -11.56 21.55 -17.80
C VAL D 184 -11.46 21.97 -16.34
N THR D 185 -11.86 21.09 -15.44
CA THR D 185 -11.92 21.47 -14.05
C THR D 185 -12.18 20.28 -13.12
N ASN D 186 -11.81 20.48 -11.85
CA ASN D 186 -12.20 19.59 -10.75
C ASN D 186 -13.30 20.19 -9.88
N ASN D 187 -13.32 21.51 -9.69
CA ASN D 187 -14.33 22.22 -8.92
C ASN D 187 -15.72 22.03 -9.52
N PRO D 188 -16.57 21.18 -8.93
CA PRO D 188 -17.91 20.96 -9.50
C PRO D 188 -18.71 22.23 -9.57
N LYS D 189 -18.31 23.27 -8.83
CA LYS D 189 -19.05 24.53 -8.81
C LYS D 189 -18.90 25.31 -10.12
N GLU D 190 -17.81 25.14 -10.88
CA GLU D 190 -17.83 25.91 -12.12
C GLU D 190 -18.69 25.17 -13.10
N ALA D 191 -18.53 23.86 -13.07
CA ALA D 191 -19.04 23.02 -14.13
C ALA D 191 -20.54 23.08 -14.12
N ARG D 192 -21.08 23.06 -12.91
CA ARG D 192 -22.28 23.78 -12.55
C ARG D 192 -22.54 24.90 -13.54
N GLU D 193 -21.62 25.81 -13.58
CA GLU D 193 -22.10 27.17 -13.76
C GLU D 193 -21.59 27.64 -15.09
N PHE D 194 -20.65 26.84 -15.65
CA PHE D 194 -20.52 26.59 -17.10
C PHE D 194 -21.76 25.85 -17.68
N PHE D 195 -22.26 24.80 -16.99
CA PHE D 195 -23.44 24.08 -17.48
C PHE D 195 -24.59 25.04 -17.61
N GLU D 196 -24.61 26.01 -16.71
CA GLU D 196 -25.51 27.15 -16.82
C GLU D 196 -24.84 28.33 -17.50
N GLN D 197 -24.51 28.10 -18.78
CA GLN D 197 -23.95 29.04 -19.76
C GLN D 197 -24.25 28.43 -21.10
N VAL D 198 -24.12 27.12 -21.06
CA VAL D 198 -24.41 26.28 -22.17
C VAL D 198 -25.88 25.87 -22.14
N ASN D 199 -26.66 26.39 -21.21
CA ASN D 199 -28.11 26.14 -21.14
C ASN D 199 -28.41 24.63 -21.13
N GLY D 200 -27.74 23.92 -20.23
CA GLY D 200 -28.02 22.50 -20.05
C GLY D 200 -27.69 21.65 -21.24
N LYS D 201 -27.04 22.26 -22.23
CA LYS D 201 -26.61 21.72 -23.53
C LYS D 201 -25.13 21.39 -23.49
N MET D 202 -24.86 20.61 -22.44
CA MET D 202 -23.53 20.22 -22.00
C MET D 202 -23.32 18.70 -22.00
N ILE D 203 -22.10 18.30 -22.32
CA ILE D 203 -21.69 16.90 -22.26
C ILE D 203 -20.49 16.75 -21.33
N THR D 204 -20.35 15.57 -20.71
CA THR D 204 -19.18 15.24 -19.90
C THR D 204 -18.34 14.18 -20.61
N LYS D 205 -17.02 14.27 -20.45
CA LYS D 205 -16.13 13.42 -21.24
C LYS D 205 -14.93 13.02 -20.40
N LEU D 206 -14.52 11.77 -20.57
CA LEU D 206 -13.28 11.28 -20.00
C LEU D 206 -12.10 11.75 -20.86
N LEU D 207 -11.03 12.20 -20.20
CA LEU D 207 -9.82 12.56 -20.94
C LEU D 207 -9.08 11.36 -21.49
N LYS D 208 -8.82 10.36 -20.66
CA LYS D 208 -8.26 9.10 -21.13
C LYS D 208 -9.31 8.02 -20.88
N PRO D 209 -10.20 7.83 -21.82
CA PRO D 209 -11.45 7.15 -21.51
C PRO D 209 -11.36 5.69 -21.11
N LEU D 210 -11.75 4.82 -22.05
CA LEU D 210 -12.03 3.43 -21.72
C LEU D 210 -11.61 2.44 -22.79
N SER D 211 -11.20 2.90 -23.97
CA SER D 211 -10.64 1.97 -24.95
C SER D 211 -9.38 1.29 -24.47
N TYR D 212 -8.48 2.03 -23.85
CA TYR D 212 -7.21 1.41 -23.39
C TYR D 212 -7.59 0.93 -22.01
N LEU D 231 -11.88 -9.34 -24.33
CA LEU D 231 -11.24 -8.30 -25.15
C LEU D 231 -12.12 -7.04 -25.13
N LEU D 232 -12.96 -6.83 -24.12
CA LEU D 232 -13.94 -5.77 -24.13
C LEU D 232 -13.96 -5.05 -22.79
N ASP D 233 -14.27 -3.73 -22.82
CA ASP D 233 -14.31 -2.83 -21.68
C ASP D 233 -15.55 -1.93 -21.79
N ALA D 234 -15.88 -1.26 -20.68
CA ALA D 234 -17.02 -0.34 -20.53
C ALA D 234 -17.49 -0.12 -19.09
N GLU D 235 -17.11 1.00 -18.47
CA GLU D 235 -17.60 1.40 -17.16
C GLU D 235 -17.59 2.93 -17.09
N THR D 236 -18.53 3.50 -16.33
CA THR D 236 -18.69 4.95 -16.25
C THR D 236 -18.12 5.57 -14.97
N LEU D 237 -17.37 6.66 -15.17
CA LEU D 237 -16.76 7.46 -14.12
C LEU D 237 -17.64 8.68 -13.91
N ARG D 238 -18.51 8.59 -12.90
CA ARG D 238 -19.35 9.70 -12.46
C ARG D 238 -18.87 10.24 -11.13
N TYR D 239 -17.63 9.87 -10.77
CA TYR D 239 -16.94 10.34 -9.60
C TYR D 239 -15.72 11.21 -9.93
N CYS D 240 -15.28 11.27 -11.21
CA CYS D 240 -14.14 12.12 -11.51
C CYS D 240 -14.38 12.89 -12.80
N PRO D 241 -15.49 13.63 -12.92
CA PRO D 241 -15.69 14.41 -14.14
C PRO D 241 -14.79 15.62 -14.10
N MET D 242 -14.08 15.89 -15.19
CA MET D 242 -13.27 17.09 -15.24
C MET D 242 -13.35 17.83 -16.57
N VAL D 243 -13.85 17.21 -17.61
CA VAL D 243 -13.97 17.80 -18.93
C VAL D 243 -15.43 17.99 -19.26
N PHE D 244 -15.81 19.23 -19.54
CA PHE D 244 -17.17 19.54 -19.95
C PHE D 244 -17.16 20.29 -21.28
N GLN D 245 -18.02 19.87 -22.20
CA GLN D 245 -18.11 20.52 -23.50
C GLN D 245 -19.54 20.92 -23.76
N ALA D 246 -19.67 22.04 -24.47
CA ALA D 246 -20.95 22.40 -25.06
C ALA D 246 -21.40 21.30 -26.02
N GLN D 247 -22.69 20.99 -25.98
CA GLN D 247 -23.26 20.07 -26.95
C GLN D 247 -23.47 20.84 -28.25
N ILE D 248 -23.03 20.25 -29.35
CA ILE D 248 -22.99 20.91 -30.65
C ILE D 248 -24.15 20.40 -31.49
N PRO D 249 -24.90 21.27 -32.17
CA PRO D 249 -25.98 20.82 -33.05
C PRO D 249 -25.44 19.83 -34.08
N LYS D 250 -26.07 18.67 -34.16
CA LYS D 250 -25.50 17.55 -34.88
C LYS D 250 -26.39 17.20 -36.07
N GLN D 251 -25.83 17.23 -37.28
CA GLN D 251 -26.47 16.65 -38.45
C GLN D 251 -25.90 15.28 -38.78
N GLN D 252 -24.59 15.12 -38.69
CA GLN D 252 -23.94 13.84 -38.86
C GLN D 252 -22.74 13.74 -37.93
N GLU D 253 -22.39 12.49 -37.61
CA GLU D 253 -21.15 12.17 -36.93
C GLU D 253 -20.26 11.48 -37.95
N LEU D 254 -19.00 11.90 -38.02
CA LEU D 254 -18.06 11.34 -38.98
C LEU D 254 -16.93 10.65 -38.22
N ARG D 255 -16.47 9.55 -38.79
CA ARG D 255 -15.20 8.94 -38.44
C ARG D 255 -14.38 9.08 -39.70
N ALA D 256 -13.36 9.91 -39.66
CA ALA D 256 -12.55 10.22 -40.83
C ALA D 256 -11.19 9.62 -40.61
N VAL D 257 -10.83 8.63 -41.42
CA VAL D 257 -9.55 7.96 -41.28
C VAL D 257 -8.58 8.62 -42.23
N TYR D 258 -7.49 9.12 -41.67
CA TYR D 258 -6.47 9.86 -42.39
C TYR D 258 -5.25 8.97 -42.59
N VAL D 259 -4.85 8.76 -43.85
CA VAL D 259 -3.63 8.02 -44.16
C VAL D 259 -2.84 8.86 -45.15
N ASN D 260 -1.85 9.61 -44.65
CA ASN D 260 -0.87 10.24 -45.51
C ASN D 260 -1.52 11.20 -46.52
N GLY D 261 -2.52 11.95 -46.07
CA GLY D 261 -3.22 12.89 -46.92
C GLY D 261 -4.46 12.35 -47.61
N ASN D 262 -4.70 11.06 -47.52
CA ASN D 262 -5.92 10.48 -48.06
C ASN D 262 -6.98 10.34 -46.99
N LEU D 263 -8.22 10.67 -47.35
CA LEU D 263 -9.33 10.59 -46.41
C LEU D 263 -10.29 9.47 -46.78
N PHE D 264 -10.71 8.73 -45.77
CA PHE D 264 -11.72 7.67 -45.86
C PHE D 264 -12.66 7.90 -44.69
N VAL D 265 -13.85 8.40 -44.99
CA VAL D 265 -14.77 8.91 -43.99
C VAL D 265 -16.05 8.10 -44.00
N GLY D 266 -16.51 7.76 -42.80
CA GLY D 266 -17.82 7.17 -42.62
C GLY D 266 -18.71 8.12 -41.84
N ALA D 267 -19.97 8.16 -42.21
CA ALA D 267 -20.96 8.95 -41.49
C ALA D 267 -21.83 8.00 -40.67
N LEU D 268 -21.91 8.26 -39.37
CA LEU D 268 -22.72 7.47 -38.45
C LEU D 268 -24.16 7.98 -38.44
N ASP D 269 -24.35 9.21 -38.95
CA ASP D 269 -25.65 9.88 -39.13
C ASP D 269 -26.52 9.85 -37.88
N ALA D 270 -26.42 10.89 -37.05
CA ALA D 270 -27.29 11.01 -35.90
C ALA D 270 -28.57 11.76 -36.21
N SER D 271 -28.45 12.94 -36.81
CA SER D 271 -29.56 13.86 -37.08
C SER D 271 -30.30 14.20 -35.78
N GLU D 286 -17.51 -1.85 -32.79
CA GLU D 286 -17.31 -1.64 -34.21
C GLU D 286 -18.26 -0.56 -34.67
N SER D 287 -19.42 -0.55 -34.01
CA SER D 287 -20.53 0.36 -34.30
C SER D 287 -21.23 0.05 -35.60
N CYS D 288 -22.53 0.31 -35.55
CA CYS D 288 -23.58 0.07 -36.54
C CYS D 288 -23.44 0.81 -37.86
N THR D 289 -24.53 0.96 -38.62
CA THR D 289 -24.43 1.27 -40.05
C THR D 289 -23.61 2.52 -40.40
N TRP D 290 -22.55 2.29 -41.18
CA TRP D 290 -21.67 3.33 -41.67
C TRP D 290 -22.06 3.52 -43.13
N GLN D 291 -22.33 4.74 -43.48
CA GLN D 291 -22.79 5.50 -44.65
C GLN D 291 -21.56 6.13 -45.35
N PRO D 292 -21.35 6.02 -46.68
CA PRO D 292 -20.12 6.60 -47.25
C PRO D 292 -20.19 8.12 -47.26
N TYR D 293 -19.04 8.79 -47.07
CA TYR D 293 -18.99 10.25 -47.09
C TYR D 293 -17.73 10.82 -47.76
N GLU D 294 -17.86 12.02 -48.36
CA GLU D 294 -16.71 12.88 -48.70
C GLU D 294 -16.63 14.18 -47.92
N LEU D 295 -15.47 14.42 -47.44
CA LEU D 295 -15.13 15.71 -46.86
C LEU D 295 -14.79 16.70 -47.97
N PRO D 296 -15.21 17.95 -47.81
CA PRO D 296 -14.75 19.02 -48.72
C PRO D 296 -13.25 19.19 -48.67
N LYS D 297 -12.68 19.71 -49.77
CA LYS D 297 -11.22 19.85 -49.85
C LYS D 297 -10.70 20.80 -48.77
N GLU D 298 -11.54 21.75 -48.33
CA GLU D 298 -11.12 22.71 -47.32
C GLU D 298 -10.90 22.04 -45.99
N ILE D 299 -11.78 21.08 -45.65
CA ILE D 299 -11.62 20.34 -44.41
C ILE D 299 -10.36 19.49 -44.48
N ILE D 300 -10.13 18.84 -45.62
CA ILE D 300 -8.94 18.03 -45.78
C ILE D 300 -7.70 18.89 -45.66
N GLN D 301 -7.74 20.12 -46.15
CA GLN D 301 -6.58 20.99 -45.95
C GLN D 301 -6.30 21.22 -44.48
N HIS D 302 -7.37 21.36 -43.67
CA HIS D 302 -7.17 21.55 -42.24
C HIS D 302 -6.53 20.32 -41.60
N LEU D 303 -6.97 19.11 -41.99
CA LEU D 303 -6.39 17.89 -41.40
C LEU D 303 -4.92 17.70 -41.79
N ASP D 304 -4.59 18.02 -43.06
CA ASP D 304 -3.20 18.00 -43.52
C ASP D 304 -2.33 18.87 -42.64
N GLN D 305 -2.76 20.11 -42.38
CA GLN D 305 -1.98 20.97 -41.50
C GLN D 305 -1.94 20.38 -40.09
N PHE D 306 -3.10 19.95 -39.59
CA PHE D 306 -3.19 19.34 -38.27
C PHE D 306 -2.23 18.17 -38.13
N MET D 307 -2.26 17.24 -39.09
CA MET D 307 -1.41 16.06 -38.99
C MET D 307 0.07 16.42 -39.08
N ALA D 308 0.41 17.41 -39.92
CA ALA D 308 1.81 17.84 -40.00
C ALA D 308 2.27 18.36 -38.65
N ARG D 309 1.40 19.12 -37.97
CA ARG D 309 1.78 19.67 -36.68
C ARG D 309 1.95 18.59 -35.63
N LEU D 310 1.10 17.55 -35.67
CA LEU D 310 1.28 16.43 -34.73
C LEU D 310 2.39 15.47 -35.15
N GLY D 311 2.93 15.63 -36.35
CA GLY D 311 3.91 14.68 -36.85
C GLY D 311 3.36 13.30 -37.12
N LEU D 312 2.09 13.20 -37.51
CA LEU D 312 1.42 11.92 -37.73
C LEU D 312 1.08 11.72 -39.20
N THR D 313 1.41 10.54 -39.72
CA THR D 313 0.98 10.08 -41.03
C THR D 313 -0.42 9.47 -40.99
N PHE D 314 -0.79 8.84 -39.86
CA PHE D 314 -2.05 8.11 -39.73
C PHE D 314 -2.81 8.60 -38.51
N GLY D 315 -4.12 8.65 -38.64
CA GLY D 315 -4.96 8.93 -37.48
C GLY D 315 -6.43 8.80 -37.82
N ALA D 316 -7.24 8.61 -36.78
CA ALA D 316 -8.68 8.47 -36.89
C ALA D 316 -9.37 9.64 -36.19
N PHE D 317 -10.15 10.42 -36.93
CA PHE D 317 -10.79 11.61 -36.40
C PHE D 317 -12.26 11.37 -36.06
N ASP D 318 -12.75 12.12 -35.07
CA ASP D 318 -14.18 12.18 -34.77
C ASP D 318 -14.69 13.61 -34.96
N PHE D 319 -15.63 13.77 -35.89
CA PHE D 319 -16.16 15.07 -36.27
C PHE D 319 -17.68 15.05 -36.13
N ILE D 320 -18.24 16.19 -35.76
CA ILE D 320 -19.66 16.45 -35.91
C ILE D 320 -19.83 17.42 -37.06
N VAL D 321 -20.76 17.14 -37.98
CA VAL D 321 -21.18 18.11 -38.98
C VAL D 321 -22.49 18.74 -38.52
N THR D 322 -22.48 20.07 -38.40
CA THR D 322 -23.65 20.80 -37.92
C THR D 322 -24.67 20.97 -39.05
N PRO D 323 -25.88 21.40 -38.70
CA PRO D 323 -26.84 21.80 -39.75
C PRO D 323 -26.36 22.89 -40.70
N LEU D 324 -25.46 23.78 -40.28
CA LEU D 324 -24.90 24.79 -41.17
C LEU D 324 -23.70 24.29 -41.96
N GLU D 325 -23.50 22.97 -41.99
CA GLU D 325 -22.37 22.33 -42.64
C GLU D 325 -21.03 22.80 -42.09
N GLU D 326 -20.97 23.05 -40.77
CA GLU D 326 -19.69 23.22 -40.09
C GLU D 326 -19.14 21.88 -39.63
N TYR D 327 -17.84 21.73 -39.75
CA TYR D 327 -17.13 20.51 -39.37
C TYR D 327 -16.44 20.78 -38.04
N VAL D 328 -16.94 20.16 -36.97
CA VAL D 328 -16.44 20.43 -35.63
C VAL D 328 -15.53 19.30 -35.23
N PHE D 329 -14.26 19.65 -34.98
CA PHE D 329 -13.29 18.69 -34.49
C PHE D 329 -13.69 18.26 -33.07
N LEU D 330 -13.75 16.96 -32.83
CA LEU D 330 -13.95 16.47 -31.46
C LEU D 330 -12.66 15.92 -30.88
N GLU D 331 -12.02 15.00 -31.58
CA GLU D 331 -10.73 14.46 -31.15
C GLU D 331 -10.15 13.68 -32.30
N ILE D 332 -8.90 13.31 -32.14
CA ILE D 332 -8.25 12.38 -33.02
C ILE D 332 -7.77 11.22 -32.16
N ASN D 333 -7.89 9.98 -32.67
CA ASN D 333 -7.19 8.87 -32.06
C ASN D 333 -6.04 8.48 -32.97
N PRO D 334 -4.80 8.70 -32.55
CA PRO D 334 -3.65 8.38 -33.42
C PRO D 334 -3.55 6.92 -33.79
N THR D 335 -4.07 6.02 -32.93
CA THR D 335 -4.08 4.59 -33.17
C THR D 335 -5.50 4.01 -33.20
N GLY D 336 -6.47 4.83 -33.64
CA GLY D 336 -7.85 4.39 -33.67
C GLY D 336 -8.11 3.32 -34.72
N GLU D 337 -9.15 2.51 -34.48
CA GLU D 337 -9.49 1.41 -35.38
C GLU D 337 -10.04 1.89 -36.72
N TRP D 338 -9.71 1.16 -37.79
CA TRP D 338 -10.19 1.47 -39.13
C TRP D 338 -10.77 0.29 -39.90
N GLY D 339 -10.67 -0.94 -39.39
CA GLY D 339 -11.10 -2.08 -40.21
C GLY D 339 -12.57 -2.02 -40.57
N MET D 340 -13.40 -1.52 -39.66
CA MET D 340 -14.84 -1.41 -39.92
C MET D 340 -15.13 -0.56 -41.16
N LEU D 341 -14.32 0.47 -41.42
CA LEU D 341 -14.60 1.31 -42.57
C LEU D 341 -14.18 0.63 -43.87
N GLU D 342 -13.03 -0.02 -43.86
CA GLU D 342 -12.59 -0.83 -45.00
C GLU D 342 -13.57 -1.96 -45.26
N ARG D 343 -14.20 -2.48 -44.20
CA ARG D 343 -15.08 -3.64 -44.30
C ARG D 343 -16.44 -3.27 -44.87
N ASP D 344 -17.10 -2.27 -44.28
CA ASP D 344 -18.47 -1.94 -44.67
C ASP D 344 -18.53 -1.15 -45.98
N LEU D 345 -17.55 -0.28 -46.24
CA LEU D 345 -17.62 0.60 -47.39
C LEU D 345 -16.52 0.36 -48.41
N ASN D 346 -15.63 -0.62 -48.18
CA ASN D 346 -14.58 -0.93 -49.15
C ASN D 346 -13.64 0.23 -49.40
N TYR D 347 -13.38 1.00 -48.39
CA TYR D 347 -12.32 1.96 -48.53
C TYR D 347 -11.00 1.21 -48.58
N PRO D 348 -10.11 1.53 -49.53
CA PRO D 348 -8.79 0.90 -49.61
C PRO D 348 -7.79 1.45 -48.59
N ILE D 349 -8.18 1.40 -47.30
CA ILE D 349 -7.30 1.91 -46.24
C ILE D 349 -6.02 1.07 -46.14
N SER D 350 -6.15 -0.27 -46.21
CA SER D 350 -4.95 -1.10 -46.14
C SER D 350 -3.92 -0.78 -47.24
N GLU D 351 -4.38 -0.41 -48.46
CA GLU D 351 -3.42 0.00 -49.51
C GLU D 351 -2.83 1.38 -49.25
N ALA D 352 -3.61 2.32 -48.69
CA ALA D 352 -3.03 3.63 -48.39
C ALA D 352 -1.95 3.50 -47.32
N ILE D 353 -2.18 2.64 -46.31
CA ILE D 353 -1.18 2.40 -45.28
C ILE D 353 0.07 1.76 -45.86
N ALA D 354 -0.11 0.67 -46.62
CA ALA D 354 1.02 -0.04 -47.21
C ALA D 354 1.85 0.88 -48.10
N ASP D 355 1.19 1.79 -48.82
CA ASP D 355 1.91 2.72 -49.68
C ASP D 355 2.67 3.76 -48.86
N SER D 356 2.09 4.21 -47.75
CA SER D 356 2.80 5.17 -46.91
C SER D 356 3.99 4.55 -46.18
N LEU D 357 4.00 3.23 -45.98
CA LEU D 357 5.13 2.61 -45.27
C LEU D 357 6.37 2.55 -46.15
N ILE D 358 6.21 2.33 -47.45
CA ILE D 358 7.35 2.17 -48.34
C ILE D 358 7.69 3.48 -49.02
N GLN D 359 6.98 4.54 -48.68
CA GLN D 359 7.21 5.85 -49.24
C GLN D 359 8.23 6.64 -48.43
N ASN D 360 8.48 6.24 -47.18
CA ASN D 360 9.55 6.78 -46.31
C ASN D 360 9.62 8.31 -46.34
#